data_2E6I
#
_entry.id   2E6I
#
loop_
_entity.id
_entity.type
_entity.pdbx_description
1 polymer 'Tyrosine-protein kinase ITK/TSK'
2 non-polymer 'ZINC ION'
#
_entity_poly.entity_id   1
_entity_poly.type   'polypeptide(L)'
_entity_poly.pdbx_seq_one_letter_code
;GSSGSSGNNSLVPKYHPNFWMDGKWRCCSQLEKLATGCAQYDPTKNASKKPLPPTPEDNRRPLW
;
_entity_poly.pdbx_strand_id   A
#
# COMPACT_ATOMS: atom_id res chain seq x y z
N GLY A 1 20.15 -23.53 -13.43
CA GLY A 1 19.41 -23.57 -12.17
C GLY A 1 19.40 -22.22 -11.48
N SER A 2 18.22 -21.79 -11.07
CA SER A 2 18.07 -20.51 -10.39
C SER A 2 16.63 -20.32 -9.89
N SER A 3 16.40 -19.23 -9.16
CA SER A 3 15.08 -18.94 -8.62
C SER A 3 14.96 -17.47 -8.24
N GLY A 4 13.83 -16.86 -8.58
CA GLY A 4 13.62 -15.46 -8.27
C GLY A 4 12.83 -14.73 -9.33
N SER A 5 11.55 -14.49 -9.06
CA SER A 5 10.69 -13.81 -10.02
C SER A 5 9.72 -12.87 -9.29
N SER A 6 9.15 -11.92 -10.04
CA SER A 6 8.21 -10.97 -9.47
C SER A 6 6.98 -10.83 -10.36
N GLY A 7 5.83 -10.56 -9.72
CA GLY A 7 4.60 -10.42 -10.47
C GLY A 7 4.09 -8.98 -10.47
N ASN A 8 2.85 -8.79 -10.91
CA ASN A 8 2.25 -7.47 -10.96
C ASN A 8 1.08 -7.36 -10.00
N ASN A 9 0.92 -6.18 -9.40
CA ASN A 9 -0.16 -5.95 -8.45
C ASN A 9 -1.36 -5.30 -9.13
N SER A 10 -2.54 -5.45 -8.53
CA SER A 10 -3.76 -4.89 -9.09
C SER A 10 -4.21 -3.67 -8.28
N LEU A 11 -4.24 -3.82 -6.97
CA LEU A 11 -4.65 -2.73 -6.09
C LEU A 11 -3.56 -2.41 -5.08
N VAL A 12 -3.48 -1.14 -4.67
CA VAL A 12 -2.48 -0.70 -3.71
C VAL A 12 -2.24 -1.78 -2.66
N PRO A 13 -0.95 -2.00 -2.33
CA PRO A 13 -0.55 -3.00 -1.33
C PRO A 13 -0.94 -2.59 0.09
N LYS A 14 -2.06 -3.13 0.56
CA LYS A 14 -2.54 -2.83 1.91
C LYS A 14 -2.09 -3.90 2.91
N TYR A 15 -2.41 -3.68 4.18
CA TYR A 15 -2.03 -4.62 5.23
C TYR A 15 -3.03 -4.56 6.39
N HIS A 16 -2.97 -5.55 7.26
CA HIS A 16 -3.85 -5.61 8.42
C HIS A 16 -3.10 -5.28 9.70
N PRO A 17 -3.19 -4.02 10.13
CA PRO A 17 -2.52 -3.54 11.35
C PRO A 17 -3.14 -4.12 12.61
N ASN A 18 -4.13 -5.00 12.44
CA ASN A 18 -4.81 -5.62 13.57
C ASN A 18 -4.94 -7.12 13.36
N PHE A 19 -5.52 -7.80 14.35
CA PHE A 19 -5.70 -9.25 14.27
C PHE A 19 -7.11 -9.60 13.82
N TRP A 20 -7.35 -10.88 13.54
CA TRP A 20 -8.66 -11.34 13.10
C TRP A 20 -9.32 -12.19 14.18
N MET A 21 -10.50 -11.76 14.63
CA MET A 21 -11.24 -12.48 15.65
C MET A 21 -12.74 -12.29 15.49
N ASP A 22 -13.51 -13.31 15.84
CA ASP A 22 -14.96 -13.24 15.73
C ASP A 22 -15.40 -13.30 14.27
N GLY A 23 -14.81 -14.22 13.51
CA GLY A 23 -15.15 -14.35 12.11
C GLY A 23 -15.12 -13.03 11.38
N LYS A 24 -14.18 -12.16 11.76
CA LYS A 24 -14.06 -10.85 11.14
C LYS A 24 -12.83 -10.11 11.67
N TRP A 25 -12.20 -9.33 10.81
CA TRP A 25 -11.01 -8.57 11.20
C TRP A 25 -11.36 -7.50 12.23
N ARG A 26 -10.34 -6.85 12.77
CA ARG A 26 -10.54 -5.81 13.78
C ARG A 26 -10.23 -4.43 13.20
N CYS A 27 -9.27 -4.38 12.29
CA CYS A 27 -8.87 -3.12 11.66
C CYS A 27 -9.84 -2.74 10.56
N CYS A 28 -10.28 -3.73 9.78
CA CYS A 28 -11.21 -3.50 8.69
C CYS A 28 -12.54 -4.21 8.95
N SER A 29 -12.48 -5.34 9.64
CA SER A 29 -13.67 -6.12 9.95
C SER A 29 -14.34 -6.61 8.67
N GLN A 30 -13.54 -7.14 7.75
CA GLN A 30 -14.06 -7.64 6.48
C GLN A 30 -14.84 -8.94 6.69
N LEU A 31 -15.37 -9.49 5.61
CA LEU A 31 -16.14 -10.72 5.67
C LEU A 31 -15.54 -11.78 4.74
N GLU A 32 -14.24 -11.69 4.50
CA GLU A 32 -13.55 -12.63 3.63
C GLU A 32 -12.40 -13.30 4.37
N LYS A 33 -12.24 -14.60 4.14
CA LYS A 33 -11.17 -15.37 4.78
C LYS A 33 -9.80 -14.90 4.31
N LEU A 34 -9.69 -14.61 3.02
CA LEU A 34 -8.43 -14.14 2.44
C LEU A 34 -8.46 -12.64 2.22
N ALA A 35 -9.28 -11.95 2.99
CA ALA A 35 -9.40 -10.50 2.89
C ALA A 35 -8.03 -9.84 2.71
N THR A 36 -7.90 -9.01 1.69
CA THR A 36 -6.65 -8.33 1.42
C THR A 36 -6.46 -7.13 2.35
N GLY A 37 -5.20 -6.84 2.68
CA GLY A 37 -4.91 -5.73 3.55
C GLY A 37 -5.86 -4.57 3.37
N CYS A 38 -6.14 -3.85 4.45
CA CYS A 38 -7.06 -2.71 4.39
C CYS A 38 -6.28 -1.40 4.47
N ALA A 39 -5.25 -1.38 5.30
CA ALA A 39 -4.42 -0.18 5.47
C ALA A 39 -3.41 -0.05 4.33
N GLN A 40 -3.50 1.06 3.59
CA GLN A 40 -2.58 1.29 2.48
C GLN A 40 -1.16 1.47 2.98
N TYR A 41 -0.19 0.99 2.20
CA TYR A 41 1.21 1.10 2.56
C TYR A 41 1.56 2.51 3.00
N ASP A 42 2.80 2.70 3.43
CA ASP A 42 3.26 4.01 3.87
C ASP A 42 4.51 4.44 3.11
N PRO A 43 4.40 5.55 2.36
CA PRO A 43 5.52 6.07 1.57
C PRO A 43 6.62 6.66 2.45
N THR A 44 6.23 7.53 3.37
CA THR A 44 7.18 8.16 4.28
C THR A 44 7.71 7.17 5.30
N LYS A 45 6.81 6.62 6.10
CA LYS A 45 7.18 5.64 7.12
C LYS A 45 7.84 4.42 6.50
N ASN A 46 9.18 4.47 6.40
CA ASN A 46 9.93 3.36 5.81
C ASN A 46 11.43 3.56 6.03
N ALA A 47 12.21 2.53 5.68
CA ALA A 47 13.66 2.60 5.84
C ALA A 47 14.37 2.33 4.52
N SER A 48 13.84 2.91 3.44
CA SER A 48 14.41 2.73 2.11
C SER A 48 13.98 3.85 1.18
N LYS A 49 14.78 4.08 0.14
CA LYS A 49 14.48 5.13 -0.84
C LYS A 49 14.79 4.65 -2.25
N LYS A 50 13.96 5.08 -3.20
CA LYS A 50 14.14 4.71 -4.60
C LYS A 50 14.23 5.94 -5.50
N PRO A 51 15.15 5.90 -6.47
CA PRO A 51 15.36 7.01 -7.41
C PRO A 51 14.18 7.18 -8.38
N LEU A 52 14.28 8.19 -9.23
CA LEU A 52 13.23 8.47 -10.20
C LEU A 52 13.23 7.44 -11.33
N PRO A 53 12.07 7.24 -11.96
CA PRO A 53 11.93 6.28 -13.07
C PRO A 53 12.65 6.74 -14.32
N PRO A 54 13.15 5.76 -15.11
CA PRO A 54 13.87 6.04 -16.35
C PRO A 54 12.95 6.59 -17.45
N THR A 55 13.49 6.74 -18.64
CA THR A 55 12.72 7.26 -19.77
C THR A 55 12.39 6.15 -20.76
N PRO A 56 11.22 6.27 -21.41
CA PRO A 56 10.76 5.28 -22.40
C PRO A 56 11.59 5.31 -23.68
N GLU A 57 11.27 4.42 -24.61
CA GLU A 57 11.97 4.35 -25.88
C GLU A 57 11.18 5.01 -26.99
N ASP A 58 11.72 4.98 -28.20
CA ASP A 58 11.06 5.58 -29.35
C ASP A 58 10.15 4.57 -30.04
N ASN A 59 9.50 5.01 -31.12
CA ASN A 59 8.59 4.14 -31.87
C ASN A 59 9.10 2.71 -31.91
N ARG A 60 8.19 1.76 -31.89
CA ARG A 60 8.55 0.34 -31.92
C ARG A 60 9.58 0.07 -33.01
N ARG A 61 10.03 -1.18 -33.08
CA ARG A 61 11.03 -1.57 -34.09
C ARG A 61 11.21 -3.09 -34.11
N PRO A 62 11.51 -3.63 -35.30
CA PRO A 62 11.72 -5.06 -35.48
C PRO A 62 12.99 -5.56 -34.81
N LEU A 63 13.14 -6.87 -34.72
CA LEU A 63 14.32 -7.47 -34.11
C LEU A 63 15.18 -8.19 -35.14
N TRP A 64 15.62 -7.45 -36.15
CA TRP A 64 16.45 -8.01 -37.21
C TRP A 64 17.79 -7.28 -37.31
N GLY A 1 18.18 -1.84 -5.07
CA GLY A 1 18.86 -1.24 -6.19
C GLY A 1 17.91 -0.80 -7.29
N SER A 2 16.80 -0.19 -6.90
CA SER A 2 15.80 0.27 -7.85
C SER A 2 14.74 1.11 -7.15
N SER A 3 14.16 2.05 -7.89
CA SER A 3 13.13 2.93 -7.35
C SER A 3 12.21 3.45 -8.46
N GLY A 4 10.99 3.78 -8.10
CA GLY A 4 10.03 4.29 -9.06
C GLY A 4 8.60 3.91 -8.72
N SER A 5 7.91 3.31 -9.68
CA SER A 5 6.52 2.89 -9.48
C SER A 5 6.18 1.69 -10.35
N SER A 6 5.23 0.89 -9.88
CA SER A 6 4.81 -0.30 -10.61
C SER A 6 3.58 0.00 -11.48
N GLY A 7 3.42 -0.78 -12.55
CA GLY A 7 2.29 -0.58 -13.44
C GLY A 7 1.14 -1.52 -13.13
N ASN A 8 0.30 -1.12 -12.17
CA ASN A 8 -0.85 -1.91 -11.77
C ASN A 8 -2.15 -1.16 -11.98
N ASN A 9 -3.27 -1.87 -11.91
CA ASN A 9 -4.58 -1.26 -12.10
C ASN A 9 -5.24 -0.96 -10.76
N SER A 10 -5.17 0.30 -10.34
CA SER A 10 -5.76 0.72 -9.06
C SER A 10 -5.47 -0.30 -7.97
N LEU A 11 -4.22 -0.74 -7.89
CA LEU A 11 -3.81 -1.73 -6.89
C LEU A 11 -2.81 -1.12 -5.92
N VAL A 12 -3.00 -1.41 -4.63
CA VAL A 12 -2.10 -0.90 -3.60
C VAL A 12 -1.85 -1.96 -2.53
N PRO A 13 -0.59 -2.05 -2.08
CA PRO A 13 -0.18 -3.01 -1.05
C PRO A 13 -0.75 -2.67 0.33
N LYS A 14 -1.89 -3.26 0.65
CA LYS A 14 -2.54 -3.02 1.93
C LYS A 14 -2.15 -4.10 2.95
N TYR A 15 -2.42 -3.82 4.22
CA TYR A 15 -2.10 -4.77 5.28
C TYR A 15 -3.12 -4.67 6.42
N HIS A 16 -3.00 -5.58 7.39
CA HIS A 16 -3.92 -5.60 8.52
C HIS A 16 -3.19 -5.21 9.81
N PRO A 17 -3.29 -3.92 10.17
CA PRO A 17 -2.66 -3.39 11.38
C PRO A 17 -3.30 -3.91 12.66
N ASN A 18 -4.30 -4.77 12.50
CA ASN A 18 -5.01 -5.34 13.64
C ASN A 18 -5.06 -6.86 13.55
N PHE A 19 -5.77 -7.49 14.49
CA PHE A 19 -5.90 -8.94 14.50
C PHE A 19 -7.19 -9.39 13.83
N TRP A 20 -7.28 -10.68 13.52
CA TRP A 20 -8.46 -11.23 12.87
C TRP A 20 -9.16 -12.23 13.78
N MET A 21 -10.22 -11.80 14.44
CA MET A 21 -10.97 -12.67 15.34
C MET A 21 -11.64 -13.81 14.57
N ASP A 22 -12.16 -14.78 15.29
CA ASP A 22 -12.82 -15.93 14.67
C ASP A 22 -14.20 -15.55 14.15
N GLY A 23 -14.27 -14.43 13.43
CA GLY A 23 -15.54 -13.98 12.89
C GLY A 23 -15.39 -12.78 11.97
N LYS A 24 -14.38 -11.96 12.25
CA LYS A 24 -14.12 -10.77 11.45
C LYS A 24 -12.81 -10.11 11.86
N TRP A 25 -12.49 -9.00 11.20
CA TRP A 25 -11.26 -8.27 11.50
C TRP A 25 -11.54 -7.10 12.43
N ARG A 26 -10.48 -6.53 13.00
CA ARG A 26 -10.62 -5.40 13.92
C ARG A 26 -10.14 -4.11 13.26
N CYS A 27 -9.44 -4.25 12.14
CA CYS A 27 -8.93 -3.09 11.42
C CYS A 27 -9.85 -2.70 10.27
N CYS A 28 -10.42 -3.72 9.62
CA CYS A 28 -11.33 -3.48 8.50
C CYS A 28 -12.66 -4.18 8.74
N SER A 29 -12.64 -5.25 9.53
CA SER A 29 -13.86 -5.99 9.84
C SER A 29 -14.53 -6.49 8.56
N GLN A 30 -13.76 -7.18 7.73
CA GLN A 30 -14.27 -7.70 6.46
C GLN A 30 -14.97 -9.04 6.68
N LEU A 31 -15.81 -9.42 5.73
CA LEU A 31 -16.55 -10.69 5.82
C LEU A 31 -15.63 -11.88 5.53
N GLU A 32 -14.71 -11.68 4.59
CA GLU A 32 -13.77 -12.74 4.22
C GLU A 32 -12.85 -13.08 5.40
N LYS A 33 -12.22 -14.25 5.32
CA LYS A 33 -11.32 -14.70 6.36
C LYS A 33 -9.90 -14.21 6.11
N LEU A 34 -9.41 -14.43 4.90
CA LEU A 34 -8.05 -14.00 4.52
C LEU A 34 -8.11 -12.75 3.65
N ALA A 35 -9.16 -11.96 3.82
CA ALA A 35 -9.32 -10.73 3.04
C ALA A 35 -8.00 -9.99 2.91
N THR A 36 -7.79 -9.35 1.76
CA THR A 36 -6.57 -8.60 1.51
C THR A 36 -6.43 -7.44 2.49
N GLY A 37 -5.19 -7.03 2.73
CA GLY A 37 -4.94 -5.93 3.65
C GLY A 37 -5.94 -4.80 3.49
N CYS A 38 -6.03 -3.94 4.50
CA CYS A 38 -6.95 -2.82 4.47
C CYS A 38 -6.21 -1.50 4.61
N ALA A 39 -5.12 -1.51 5.36
CA ALA A 39 -4.32 -0.32 5.58
C ALA A 39 -3.32 -0.11 4.44
N GLN A 40 -3.52 0.94 3.66
CA GLN A 40 -2.63 1.25 2.54
C GLN A 40 -1.23 1.59 3.03
N TYR A 41 -0.23 1.21 2.23
CA TYR A 41 1.15 1.48 2.58
C TYR A 41 1.36 2.93 2.97
N ASP A 42 2.58 3.28 3.36
CA ASP A 42 2.91 4.64 3.75
C ASP A 42 4.25 5.06 3.16
N PRO A 43 4.20 5.94 2.14
CA PRO A 43 5.40 6.44 1.46
C PRO A 43 6.20 7.38 2.35
N THR A 44 5.51 8.30 3.01
CA THR A 44 6.16 9.26 3.90
C THR A 44 7.16 8.57 4.83
N LYS A 45 6.76 7.42 5.35
CA LYS A 45 7.62 6.66 6.26
C LYS A 45 9.08 6.70 5.79
N ASN A 46 9.30 6.29 4.54
CA ASN A 46 10.65 6.28 3.97
C ASN A 46 10.70 7.07 2.67
N ALA A 47 9.89 6.63 1.70
CA ALA A 47 9.84 7.30 0.40
C ALA A 47 10.02 8.81 0.55
N SER A 48 10.68 9.41 -0.43
CA SER A 48 10.94 10.85 -0.41
C SER A 48 11.52 11.28 0.93
N LYS A 49 12.49 10.51 1.42
CA LYS A 49 13.14 10.81 2.69
C LYS A 49 13.89 12.14 2.62
N LYS A 50 14.75 12.28 1.60
CA LYS A 50 15.52 13.50 1.42
C LYS A 50 14.61 14.68 1.15
N PRO A 51 15.08 15.89 1.52
CA PRO A 51 14.32 17.13 1.32
C PRO A 51 14.20 17.52 -0.15
N LEU A 52 13.38 18.52 -0.43
CA LEU A 52 13.17 18.99 -1.80
C LEU A 52 13.63 20.43 -1.96
N PRO A 53 14.11 20.76 -3.17
CA PRO A 53 14.58 22.11 -3.49
C PRO A 53 13.45 23.14 -3.52
N PRO A 54 13.83 24.42 -3.60
CA PRO A 54 12.86 25.53 -3.64
C PRO A 54 12.09 25.57 -4.96
N THR A 55 10.96 26.26 -4.96
CA THR A 55 10.13 26.39 -6.15
C THR A 55 9.86 27.85 -6.48
N PRO A 56 9.49 28.12 -7.74
CA PRO A 56 9.18 29.48 -8.20
C PRO A 56 7.89 30.01 -7.62
N GLU A 57 7.27 29.23 -6.74
CA GLU A 57 6.02 29.62 -6.09
C GLU A 57 6.13 31.05 -5.55
N ASP A 58 5.00 31.56 -5.03
CA ASP A 58 4.98 32.91 -4.48
C ASP A 58 6.29 33.25 -3.81
N ASN A 59 6.78 34.48 -4.05
CA ASN A 59 8.03 34.93 -3.47
C ASN A 59 7.98 34.88 -1.94
N ARG A 60 9.07 35.27 -1.30
CA ARG A 60 9.16 35.27 0.15
C ARG A 60 9.20 36.69 0.70
N ARG A 61 9.32 36.81 2.01
CA ARG A 61 9.37 38.12 2.66
C ARG A 61 10.72 38.33 3.35
N PRO A 62 11.08 39.61 3.55
CA PRO A 62 12.35 39.98 4.20
C PRO A 62 12.35 39.65 5.69
N LEU A 63 13.45 39.96 6.36
CA LEU A 63 13.57 39.71 7.78
C LEU A 63 12.87 40.78 8.61
N TRP A 64 11.68 41.16 8.17
CA TRP A 64 10.91 42.19 8.86
C TRP A 64 11.82 43.25 9.45
N GLY A 1 2.68 -1.89 -24.83
CA GLY A 1 3.71 -1.29 -25.66
C GLY A 1 4.28 -0.03 -25.05
N SER A 2 4.65 -0.11 -23.77
CA SER A 2 5.22 1.04 -23.06
C SER A 2 6.74 1.07 -23.22
N SER A 3 7.24 2.19 -23.74
CA SER A 3 8.68 2.34 -23.94
C SER A 3 9.21 3.51 -23.12
N GLY A 4 8.75 3.61 -21.87
CA GLY A 4 9.19 4.69 -21.01
C GLY A 4 9.28 4.26 -19.56
N SER A 5 10.46 4.43 -18.96
CA SER A 5 10.67 4.04 -17.56
C SER A 5 9.43 4.32 -16.73
N SER A 6 8.96 5.56 -16.76
CA SER A 6 7.78 5.96 -16.01
C SER A 6 6.61 5.03 -16.30
N GLY A 7 5.57 5.12 -15.48
CA GLY A 7 4.40 4.28 -15.67
C GLY A 7 4.14 3.36 -14.49
N ASN A 8 3.01 3.55 -13.83
CA ASN A 8 2.65 2.73 -12.68
C ASN A 8 1.25 2.16 -12.82
N ASN A 9 1.18 0.87 -13.17
CA ASN A 9 -0.11 0.20 -13.35
C ASN A 9 -0.24 -0.98 -12.40
N SER A 10 0.22 -0.79 -11.16
CA SER A 10 0.16 -1.84 -10.15
C SER A 10 -0.69 -1.39 -8.96
N LEU A 11 -1.26 -2.36 -8.25
CA LEU A 11 -2.09 -2.08 -7.09
C LEU A 11 -1.23 -1.88 -5.84
N VAL A 12 -1.77 -1.16 -4.86
CA VAL A 12 -1.05 -0.90 -3.62
C VAL A 12 -1.26 -2.04 -2.63
N PRO A 13 -0.14 -2.62 -2.16
CA PRO A 13 -0.17 -3.73 -1.20
C PRO A 13 -0.64 -3.28 0.19
N LYS A 14 -1.89 -3.60 0.50
CA LYS A 14 -2.46 -3.22 1.79
C LYS A 14 -2.07 -4.24 2.87
N TYR A 15 -2.43 -3.94 4.12
CA TYR A 15 -2.12 -4.82 5.23
C TYR A 15 -3.15 -4.68 6.35
N HIS A 16 -3.02 -5.50 7.38
CA HIS A 16 -3.94 -5.48 8.51
C HIS A 16 -3.22 -5.04 9.78
N PRO A 17 -3.38 -3.76 10.15
CA PRO A 17 -2.75 -3.20 11.35
C PRO A 17 -3.37 -3.75 12.64
N ASN A 18 -4.31 -4.67 12.48
CA ASN A 18 -4.98 -5.27 13.64
C ASN A 18 -5.04 -6.79 13.49
N PHE A 19 -5.70 -7.44 14.44
CA PHE A 19 -5.82 -8.89 14.43
C PHE A 19 -7.10 -9.32 13.70
N TRP A 20 -7.23 -10.62 13.48
CA TRP A 20 -8.40 -11.16 12.79
C TRP A 20 -9.06 -12.25 13.61
N MET A 21 -10.10 -11.89 14.35
CA MET A 21 -10.82 -12.84 15.18
C MET A 21 -11.71 -13.75 14.33
N ASP A 22 -11.86 -15.00 14.76
CA ASP A 22 -12.68 -15.96 14.03
C ASP A 22 -13.88 -15.28 13.39
N GLY A 23 -14.49 -14.34 14.11
CA GLY A 23 -15.63 -13.63 13.60
C GLY A 23 -15.29 -12.74 12.42
N LYS A 24 -14.35 -11.83 12.61
CA LYS A 24 -13.92 -10.92 11.56
C LYS A 24 -12.74 -10.07 12.01
N TRP A 25 -12.24 -9.23 11.11
CA TRP A 25 -11.11 -8.35 11.42
C TRP A 25 -11.53 -7.25 12.38
N ARG A 26 -10.54 -6.54 12.92
CA ARG A 26 -10.81 -5.45 13.85
C ARG A 26 -10.51 -4.10 13.21
N CYS A 27 -9.54 -4.09 12.30
CA CYS A 27 -9.16 -2.86 11.61
C CYS A 27 -10.13 -2.54 10.48
N CYS A 28 -10.46 -3.55 9.68
CA CYS A 28 -11.38 -3.38 8.56
C CYS A 28 -12.70 -4.08 8.84
N SER A 29 -12.65 -5.17 9.60
CA SER A 29 -13.84 -5.93 9.93
C SER A 29 -14.52 -6.46 8.67
N GLN A 30 -13.72 -7.01 7.77
CA GLN A 30 -14.25 -7.55 6.52
C GLN A 30 -14.97 -8.88 6.76
N LEU A 31 -16.02 -9.12 6.00
CA LEU A 31 -16.80 -10.34 6.12
C LEU A 31 -16.13 -11.50 5.38
N GLU A 32 -14.81 -11.58 5.50
CA GLU A 32 -14.05 -12.64 4.84
C GLU A 32 -12.98 -13.19 5.77
N LYS A 33 -12.71 -14.49 5.65
CA LYS A 33 -11.70 -15.14 6.47
C LYS A 33 -10.30 -14.70 6.08
N LEU A 34 -9.98 -14.84 4.79
CA LEU A 34 -8.66 -14.45 4.29
C LEU A 34 -8.72 -13.07 3.64
N ALA A 35 -9.47 -12.16 4.26
CA ALA A 35 -9.60 -10.80 3.77
C ALA A 35 -8.25 -10.20 3.45
N THR A 36 -8.18 -9.41 2.38
CA THR A 36 -6.93 -8.77 1.98
C THR A 36 -6.67 -7.51 2.78
N GLY A 37 -5.40 -7.17 2.96
CA GLY A 37 -5.04 -5.98 3.70
C GLY A 37 -5.98 -4.82 3.44
N CYS A 38 -6.22 -4.01 4.47
CA CYS A 38 -7.11 -2.87 4.36
C CYS A 38 -6.33 -1.56 4.38
N ALA A 39 -5.34 -1.50 5.27
CA ALA A 39 -4.51 -0.30 5.41
C ALA A 39 -3.57 -0.15 4.21
N GLN A 40 -3.11 1.07 3.97
CA GLN A 40 -2.21 1.34 2.87
C GLN A 40 -0.79 1.58 3.36
N TYR A 41 0.16 0.80 2.84
CA TYR A 41 1.55 0.92 3.23
C TYR A 41 1.99 2.39 3.27
N ASP A 42 3.13 2.65 3.89
CA ASP A 42 3.65 4.00 3.98
C ASP A 42 5.01 4.11 3.31
N PRO A 43 5.11 5.01 2.31
CA PRO A 43 6.35 5.22 1.55
C PRO A 43 7.43 5.90 2.40
N THR A 44 7.03 6.91 3.16
CA THR A 44 7.96 7.64 4.01
C THR A 44 8.62 6.72 5.02
N LYS A 45 7.82 5.85 5.63
CA LYS A 45 8.33 4.90 6.62
C LYS A 45 8.97 3.69 5.94
N ASN A 46 8.15 2.89 5.28
CA ASN A 46 8.65 1.70 4.58
C ASN A 46 7.58 1.15 3.64
N ALA A 47 7.97 0.92 2.39
CA ALA A 47 7.05 0.39 1.39
C ALA A 47 7.73 -0.68 0.53
N SER A 48 7.04 -1.79 0.32
CA SER A 48 7.57 -2.88 -0.47
C SER A 48 6.80 -3.05 -1.78
N LYS A 49 7.14 -2.24 -2.77
CA LYS A 49 6.48 -2.29 -4.08
C LYS A 49 7.48 -2.61 -5.19
N LYS A 50 8.56 -1.85 -5.24
CA LYS A 50 9.60 -2.05 -6.25
C LYS A 50 10.82 -1.17 -5.97
N PRO A 51 12.01 -1.74 -6.17
CA PRO A 51 13.27 -1.03 -5.94
C PRO A 51 13.51 0.07 -6.98
N LEU A 52 14.49 0.92 -6.72
CA LEU A 52 14.82 2.02 -7.63
C LEU A 52 16.29 2.39 -7.52
N PRO A 53 16.85 2.94 -8.61
CA PRO A 53 18.25 3.36 -8.67
C PRO A 53 18.53 4.58 -7.79
N PRO A 54 19.74 4.64 -7.23
CA PRO A 54 20.16 5.75 -6.35
C PRO A 54 20.34 7.06 -7.13
N THR A 55 20.09 8.17 -6.45
CA THR A 55 20.22 9.49 -7.07
C THR A 55 21.23 10.35 -6.31
N PRO A 56 21.88 11.28 -7.03
CA PRO A 56 22.87 12.19 -6.45
C PRO A 56 22.23 13.22 -5.52
N GLU A 57 20.92 13.10 -5.34
CA GLU A 57 20.19 14.03 -4.46
C GLU A 57 20.78 15.43 -4.55
N ASP A 58 21.13 15.85 -5.76
CA ASP A 58 21.70 17.17 -5.98
C ASP A 58 20.81 18.01 -6.89
N ASN A 59 20.34 17.41 -7.98
CA ASN A 59 19.48 18.10 -8.93
C ASN A 59 18.27 17.23 -9.30
N ARG A 60 17.27 17.86 -9.90
CA ARG A 60 16.06 17.14 -10.30
C ARG A 60 16.33 16.24 -11.50
N ARG A 61 16.74 16.85 -12.60
CA ARG A 61 17.03 16.09 -13.82
C ARG A 61 18.35 15.33 -13.68
N PRO A 62 18.40 14.13 -14.27
CA PRO A 62 19.59 13.27 -14.22
C PRO A 62 20.74 13.83 -15.05
N LEU A 63 21.96 13.50 -14.67
CA LEU A 63 23.15 13.97 -15.39
C LEU A 63 24.04 12.80 -15.78
N TRP A 64 23.42 11.70 -16.18
CA TRP A 64 24.16 10.51 -16.59
C TRP A 64 25.31 10.22 -15.62
N GLY A 1 -0.38 12.56 2.83
CA GLY A 1 -1.73 12.79 3.31
C GLY A 1 -2.54 13.67 2.37
N SER A 2 -3.38 14.53 2.94
CA SER A 2 -4.21 15.41 2.14
C SER A 2 -4.82 14.67 0.95
N SER A 3 -5.27 13.44 1.20
CA SER A 3 -5.87 12.63 0.15
C SER A 3 -6.88 13.44 -0.66
N GLY A 4 -7.27 12.90 -1.81
CA GLY A 4 -8.24 13.59 -2.66
C GLY A 4 -8.74 12.70 -3.80
N SER A 5 -8.17 12.89 -4.98
CA SER A 5 -8.57 12.11 -6.14
C SER A 5 -8.42 10.61 -5.88
N SER A 6 -9.31 9.82 -6.46
CA SER A 6 -9.29 8.37 -6.29
C SER A 6 -8.21 7.74 -7.16
N GLY A 7 -8.02 6.43 -7.01
CA GLY A 7 -7.02 5.73 -7.79
C GLY A 7 -7.43 4.31 -8.12
N ASN A 8 -6.45 3.44 -8.30
CA ASN A 8 -6.71 2.04 -8.63
C ASN A 8 -7.52 1.37 -7.51
N ASN A 9 -8.03 0.17 -7.79
CA ASN A 9 -8.81 -0.57 -6.82
C ASN A 9 -7.94 -1.59 -6.09
N SER A 10 -7.39 -2.54 -6.85
CA SER A 10 -6.54 -3.58 -6.28
C SER A 10 -5.12 -3.48 -6.83
N LEU A 11 -4.59 -2.27 -6.89
CA LEU A 11 -3.24 -2.04 -7.39
C LEU A 11 -2.39 -1.31 -6.36
N VAL A 12 -2.54 -1.69 -5.09
CA VAL A 12 -1.78 -1.07 -4.02
C VAL A 12 -1.56 -2.05 -2.87
N PRO A 13 -0.33 -2.07 -2.34
CA PRO A 13 0.04 -2.96 -1.24
C PRO A 13 -0.62 -2.56 0.08
N LYS A 14 -1.57 -3.39 0.53
CA LYS A 14 -2.28 -3.13 1.78
C LYS A 14 -1.77 -4.02 2.89
N TYR A 15 -2.31 -3.83 4.09
CA TYR A 15 -1.90 -4.62 5.25
C TYR A 15 -2.95 -4.54 6.36
N HIS A 16 -2.82 -5.41 7.36
CA HIS A 16 -3.75 -5.44 8.48
C HIS A 16 -3.06 -5.01 9.76
N PRO A 17 -3.33 -3.77 10.21
CA PRO A 17 -2.75 -3.22 11.44
C PRO A 17 -3.28 -3.90 12.70
N ASN A 18 -4.26 -4.78 12.51
CA ASN A 18 -4.87 -5.50 13.63
C ASN A 18 -4.94 -6.99 13.35
N PHE A 19 -5.54 -7.74 14.26
CA PHE A 19 -5.68 -9.18 14.11
C PHE A 19 -7.07 -9.54 13.58
N TRP A 20 -7.24 -10.79 13.18
CA TRP A 20 -8.51 -11.27 12.65
C TRP A 20 -9.14 -12.28 13.60
N MET A 21 -10.18 -11.86 14.31
CA MET A 21 -10.87 -12.74 15.25
C MET A 21 -11.83 -13.67 14.52
N ASP A 22 -11.96 -14.89 15.02
CA ASP A 22 -12.85 -15.87 14.41
C ASP A 22 -14.09 -15.20 13.82
N GLY A 23 -14.55 -14.14 14.48
CA GLY A 23 -15.73 -13.44 14.01
C GLY A 23 -15.45 -12.60 12.77
N LYS A 24 -14.46 -11.70 12.89
CA LYS A 24 -14.09 -10.84 11.77
C LYS A 24 -12.86 -10.00 12.11
N TRP A 25 -12.42 -9.19 11.17
CA TRP A 25 -11.26 -8.33 11.37
C TRP A 25 -11.57 -7.22 12.38
N ARG A 26 -10.51 -6.62 12.92
CA ARG A 26 -10.67 -5.55 13.89
C ARG A 26 -10.30 -4.20 13.27
N CYS A 27 -9.54 -4.24 12.18
CA CYS A 27 -9.11 -3.03 11.49
C CYS A 27 -10.09 -2.66 10.38
N CYS A 28 -10.52 -3.67 9.62
CA CYS A 28 -11.44 -3.46 8.52
C CYS A 28 -12.75 -4.21 8.75
N SER A 29 -12.71 -5.17 9.67
CA SER A 29 -13.89 -5.97 9.99
C SER A 29 -14.66 -6.32 8.72
N GLN A 30 -13.95 -6.75 7.69
CA GLN A 30 -14.57 -7.12 6.43
C GLN A 30 -15.48 -8.33 6.59
N LEU A 31 -16.19 -8.69 5.53
CA LEU A 31 -17.09 -9.83 5.57
C LEU A 31 -16.56 -10.98 4.71
N GLU A 32 -15.25 -11.21 4.80
CA GLU A 32 -14.62 -12.27 4.03
C GLU A 32 -13.78 -13.18 4.94
N LYS A 33 -13.24 -14.25 4.36
CA LYS A 33 -12.41 -15.18 5.12
C LYS A 33 -10.93 -14.83 5.00
N LEU A 34 -10.49 -14.55 3.78
CA LEU A 34 -9.09 -14.20 3.54
C LEU A 34 -8.98 -12.73 3.13
N ALA A 35 -9.85 -11.89 3.68
CA ALA A 35 -9.83 -10.46 3.37
C ALA A 35 -8.40 -9.94 3.24
N THR A 36 -8.14 -9.24 2.15
CA THR A 36 -6.82 -8.68 1.90
C THR A 36 -6.57 -7.44 2.73
N GLY A 37 -5.31 -7.14 3.00
CA GLY A 37 -4.96 -5.98 3.79
C GLY A 37 -5.87 -4.80 3.50
N CYS A 38 -6.23 -4.05 4.55
CA CYS A 38 -7.09 -2.89 4.40
C CYS A 38 -6.29 -1.60 4.46
N ALA A 39 -5.30 -1.57 5.35
CA ALA A 39 -4.46 -0.39 5.51
C ALA A 39 -3.49 -0.25 4.33
N GLN A 40 -3.38 0.97 3.81
CA GLN A 40 -2.49 1.24 2.68
C GLN A 40 -1.13 1.69 3.17
N TYR A 41 -0.09 1.35 2.40
CA TYR A 41 1.28 1.71 2.76
C TYR A 41 1.37 3.19 3.13
N ASP A 42 2.44 3.55 3.81
CA ASP A 42 2.65 4.94 4.23
C ASP A 42 3.77 5.59 3.43
N PRO A 43 3.45 6.69 2.75
CA PRO A 43 4.42 7.43 1.93
C PRO A 43 5.47 8.14 2.77
N THR A 44 5.08 8.55 3.98
CA THR A 44 5.99 9.24 4.88
C THR A 44 5.42 9.31 6.29
N LYS A 45 6.22 8.91 7.28
CA LYS A 45 5.79 8.94 8.67
C LYS A 45 6.83 9.62 9.54
N ASN A 46 8.10 9.46 9.18
CA ASN A 46 9.19 10.07 9.94
C ASN A 46 9.40 11.52 9.53
N ALA A 47 8.31 12.27 9.39
CA ALA A 47 8.37 13.66 9.00
C ALA A 47 9.51 13.90 8.01
N SER A 48 9.64 12.99 7.04
CA SER A 48 10.69 13.11 6.03
C SER A 48 10.52 12.03 4.96
N LYS A 49 10.88 12.37 3.73
CA LYS A 49 10.77 11.46 2.61
C LYS A 49 12.10 10.73 2.37
N LYS A 50 12.25 9.58 3.02
CA LYS A 50 13.47 8.79 2.88
C LYS A 50 13.19 7.32 3.14
N PRO A 51 14.00 6.43 2.54
CA PRO A 51 13.86 4.98 2.69
C PRO A 51 14.24 4.51 4.09
N LEU A 52 13.56 3.48 4.57
CA LEU A 52 13.83 2.93 5.90
C LEU A 52 13.86 1.41 5.87
N PRO A 53 14.50 0.81 6.87
CA PRO A 53 14.62 -0.65 6.98
C PRO A 53 13.28 -1.32 7.31
N PRO A 54 13.25 -2.65 7.22
CA PRO A 54 12.03 -3.44 7.50
C PRO A 54 11.67 -3.43 8.98
N THR A 55 10.43 -3.77 9.29
CA THR A 55 9.95 -3.81 10.65
C THR A 55 9.24 -5.11 10.96
N PRO A 56 9.23 -5.51 12.25
CA PRO A 56 8.59 -6.74 12.70
C PRO A 56 7.07 -6.66 12.62
N GLU A 57 6.40 -7.72 13.07
CA GLU A 57 4.94 -7.77 13.05
C GLU A 57 4.35 -6.40 13.36
N ASP A 58 3.53 -5.89 12.45
CA ASP A 58 2.90 -4.59 12.63
C ASP A 58 2.18 -4.51 13.98
N ASN A 59 1.28 -5.46 14.21
CA ASN A 59 0.51 -5.50 15.45
C ASN A 59 1.38 -5.04 16.62
N ARG A 60 0.75 -4.37 17.59
CA ARG A 60 1.45 -3.89 18.77
C ARG A 60 2.32 -2.68 18.41
N ARG A 61 1.80 -1.81 17.56
CA ARG A 61 2.53 -0.62 17.14
C ARG A 61 3.19 0.06 18.34
N PRO A 62 4.30 0.77 18.08
CA PRO A 62 5.05 1.48 19.12
C PRO A 62 4.29 2.70 19.65
N LEU A 63 4.63 3.13 20.86
CA LEU A 63 3.98 4.27 21.49
C LEU A 63 4.70 5.57 21.11
N TRP A 64 5.18 5.64 19.89
CA TRP A 64 5.88 6.84 19.41
C TRP A 64 4.99 7.68 18.51
N GLY A 1 17.40 3.77 -7.15
CA GLY A 1 16.02 4.20 -7.27
C GLY A 1 15.05 3.04 -7.37
N SER A 2 14.93 2.47 -8.56
CA SER A 2 14.03 1.35 -8.79
C SER A 2 12.69 1.59 -8.11
N SER A 3 12.19 2.82 -8.21
CA SER A 3 10.91 3.17 -7.60
C SER A 3 10.38 4.48 -8.18
N GLY A 4 9.10 4.75 -7.95
CA GLY A 4 8.48 5.96 -8.46
C GLY A 4 7.00 5.80 -8.71
N SER A 5 6.24 6.86 -8.49
CA SER A 5 4.80 6.83 -8.68
C SER A 5 4.23 8.24 -8.79
N SER A 6 3.34 8.45 -9.75
CA SER A 6 2.72 9.76 -9.95
C SER A 6 1.33 9.81 -9.31
N GLY A 7 0.48 8.86 -9.69
CA GLY A 7 -0.86 8.81 -9.15
C GLY A 7 -1.58 7.52 -9.48
N ASN A 8 -1.83 6.71 -8.45
CA ASN A 8 -2.51 5.43 -8.64
C ASN A 8 -3.52 5.18 -7.52
N ASN A 9 -4.73 4.80 -7.90
CA ASN A 9 -5.79 4.53 -6.93
C ASN A 9 -6.35 3.12 -7.11
N SER A 10 -5.46 2.16 -7.31
CA SER A 10 -5.86 0.77 -7.50
C SER A 10 -4.68 -0.18 -7.30
N LEU A 11 -4.98 -1.43 -6.97
CA LEU A 11 -3.95 -2.43 -6.75
C LEU A 11 -2.90 -1.92 -5.76
N VAL A 12 -3.36 -1.24 -4.72
CA VAL A 12 -2.46 -0.70 -3.70
C VAL A 12 -2.14 -1.75 -2.65
N PRO A 13 -0.85 -1.83 -2.28
CA PRO A 13 -0.38 -2.80 -1.28
C PRO A 13 -0.86 -2.45 0.13
N LYS A 14 -1.96 -3.07 0.54
CA LYS A 14 -2.53 -2.83 1.86
C LYS A 14 -2.08 -3.90 2.84
N TYR A 15 -2.42 -3.71 4.12
CA TYR A 15 -2.04 -4.66 5.16
C TYR A 15 -3.04 -4.62 6.31
N HIS A 16 -2.92 -5.59 7.22
CA HIS A 16 -3.81 -5.65 8.37
C HIS A 16 -3.06 -5.33 9.66
N PRO A 17 -3.18 -4.07 10.11
CA PRO A 17 -2.52 -3.60 11.34
C PRO A 17 -3.13 -4.21 12.59
N ASN A 18 -4.12 -5.08 12.41
CA ASN A 18 -4.77 -5.74 13.53
C ASN A 18 -4.91 -7.24 13.27
N PHE A 19 -5.49 -7.95 14.24
CA PHE A 19 -5.68 -9.39 14.12
C PHE A 19 -7.13 -9.71 13.75
N TRP A 20 -7.37 -10.98 13.42
CA TRP A 20 -8.72 -11.42 13.05
C TRP A 20 -9.37 -12.16 14.19
N MET A 21 -10.59 -11.75 14.54
CA MET A 21 -11.34 -12.38 15.63
C MET A 21 -12.84 -12.31 15.37
N ASP A 22 -13.61 -13.10 16.11
CA ASP A 22 -15.05 -13.13 15.96
C ASP A 22 -15.45 -13.28 14.49
N GLY A 23 -14.80 -14.22 13.80
CA GLY A 23 -15.10 -14.44 12.40
C GLY A 23 -15.04 -13.17 11.58
N LYS A 24 -14.06 -12.32 11.87
CA LYS A 24 -13.90 -11.06 11.15
C LYS A 24 -12.62 -10.34 11.59
N TRP A 25 -12.32 -9.23 10.94
CA TRP A 25 -11.14 -8.45 11.27
C TRP A 25 -11.45 -7.37 12.29
N ARG A 26 -10.41 -6.78 12.86
CA ARG A 26 -10.58 -5.73 13.87
C ARG A 26 -10.26 -4.36 13.27
N CYS A 27 -9.33 -4.33 12.33
CA CYS A 27 -8.93 -3.09 11.69
C CYS A 27 -9.90 -2.70 10.58
N CYS A 28 -10.28 -3.68 9.77
CA CYS A 28 -11.20 -3.45 8.67
C CYS A 28 -12.50 -4.24 8.87
N SER A 29 -12.42 -5.29 9.69
CA SER A 29 -13.59 -6.12 9.96
C SER A 29 -14.31 -6.49 8.67
N GLN A 30 -13.56 -7.04 7.73
CA GLN A 30 -14.13 -7.45 6.45
C GLN A 30 -14.77 -8.83 6.54
N LEU A 31 -15.73 -9.10 5.66
CA LEU A 31 -16.42 -10.38 5.65
C LEU A 31 -15.45 -11.52 5.36
N GLU A 32 -14.63 -11.35 4.32
CA GLU A 32 -13.66 -12.36 3.93
C GLU A 32 -12.82 -12.79 5.14
N LYS A 33 -12.73 -14.10 5.36
CA LYS A 33 -11.96 -14.64 6.47
C LYS A 33 -10.51 -14.18 6.40
N LEU A 34 -9.89 -14.36 5.24
CA LEU A 34 -8.50 -13.97 5.04
C LEU A 34 -8.40 -12.75 4.12
N ALA A 35 -9.33 -11.81 4.29
CA ALA A 35 -9.34 -10.60 3.48
C ALA A 35 -7.94 -10.04 3.31
N THR A 36 -7.75 -9.25 2.25
CA THR A 36 -6.45 -8.64 1.97
C THR A 36 -6.25 -7.37 2.79
N GLY A 37 -4.99 -7.03 3.05
CA GLY A 37 -4.69 -5.83 3.81
C GLY A 37 -5.68 -4.72 3.55
N CYS A 38 -5.97 -3.94 4.59
CA CYS A 38 -6.91 -2.83 4.47
C CYS A 38 -6.18 -1.49 4.52
N ALA A 39 -5.16 -1.41 5.36
CA ALA A 39 -4.37 -0.19 5.50
C ALA A 39 -3.41 -0.02 4.33
N GLN A 40 -3.58 1.06 3.58
CA GLN A 40 -2.72 1.33 2.44
C GLN A 40 -1.30 1.69 2.88
N TYR A 41 -0.31 1.21 2.13
CA TYR A 41 1.08 1.47 2.46
C TYR A 41 1.33 2.97 2.66
N ASP A 42 2.58 3.33 2.90
CA ASP A 42 2.95 4.73 3.10
C ASP A 42 4.06 5.14 2.14
N PRO A 43 3.69 5.90 1.11
CA PRO A 43 4.64 6.39 0.09
C PRO A 43 5.60 7.43 0.65
N THR A 44 5.47 7.71 1.95
CA THR A 44 6.32 8.69 2.60
C THR A 44 6.07 8.73 4.10
N LYS A 45 7.14 8.63 4.88
CA LYS A 45 7.03 8.66 6.33
C LYS A 45 7.93 9.74 6.93
N ASN A 46 9.18 9.79 6.48
CA ASN A 46 10.14 10.77 6.95
C ASN A 46 10.72 11.58 5.80
N ALA A 47 11.18 10.88 4.77
CA ALA A 47 11.76 11.53 3.60
C ALA A 47 10.77 12.51 2.98
N SER A 48 11.27 13.34 2.07
CA SER A 48 10.43 14.33 1.39
C SER A 48 11.10 14.83 0.11
N LYS A 49 10.36 15.62 -0.66
CA LYS A 49 10.88 16.16 -1.91
C LYS A 49 9.99 17.29 -2.42
N LYS A 50 10.56 18.48 -2.57
CA LYS A 50 9.81 19.63 -3.05
C LYS A 50 10.53 20.29 -4.23
N PRO A 51 9.78 21.04 -5.04
CA PRO A 51 10.32 21.74 -6.21
C PRO A 51 11.24 22.89 -5.82
N LEU A 52 11.78 23.58 -6.83
CA LEU A 52 12.67 24.70 -6.59
C LEU A 52 12.19 25.94 -7.36
N PRO A 53 12.52 27.13 -6.82
CA PRO A 53 12.15 28.41 -7.43
C PRO A 53 12.92 28.67 -8.72
N PRO A 54 12.47 29.69 -9.47
CA PRO A 54 13.09 30.08 -10.74
C PRO A 54 14.48 30.69 -10.54
N THR A 55 15.26 30.75 -11.61
CA THR A 55 16.60 31.32 -11.55
C THR A 55 16.81 32.34 -12.66
N PRO A 56 17.78 33.25 -12.44
CA PRO A 56 18.11 34.30 -13.42
C PRO A 56 18.76 33.74 -14.67
N GLU A 57 19.13 34.63 -15.60
CA GLU A 57 19.76 34.22 -16.84
C GLU A 57 20.67 33.02 -16.62
N ASP A 58 20.25 31.86 -17.12
CA ASP A 58 21.03 30.63 -16.97
C ASP A 58 22.09 30.53 -18.06
N ASN A 59 22.91 29.49 -17.98
CA ASN A 59 23.96 29.28 -18.96
C ASN A 59 23.64 28.08 -19.86
N ARG A 60 23.75 28.28 -21.17
CA ARG A 60 23.48 27.23 -22.14
C ARG A 60 24.72 26.91 -22.97
N ARG A 61 24.64 25.84 -23.75
CA ARG A 61 25.75 25.42 -24.60
C ARG A 61 25.29 25.20 -26.03
N PRO A 62 26.18 25.51 -26.99
CA PRO A 62 25.89 25.35 -28.42
C PRO A 62 25.79 23.89 -28.84
N LEU A 63 25.48 23.65 -30.11
CA LEU A 63 25.37 22.30 -30.63
C LEU A 63 26.68 21.84 -31.27
N TRP A 64 27.45 22.80 -31.78
CA TRP A 64 28.72 22.49 -32.41
C TRP A 64 29.87 23.15 -31.67
N GLY A 1 22.84 -7.22 -4.23
CA GLY A 1 21.85 -6.92 -5.25
C GLY A 1 20.67 -6.15 -4.71
N SER A 2 19.79 -5.71 -5.60
CA SER A 2 18.61 -4.95 -5.22
C SER A 2 17.38 -5.43 -5.97
N SER A 3 16.20 -5.05 -5.48
CA SER A 3 14.94 -5.44 -6.10
C SER A 3 13.83 -4.46 -5.76
N GLY A 4 12.76 -4.48 -6.55
CA GLY A 4 11.64 -3.58 -6.31
C GLY A 4 10.31 -4.27 -6.46
N SER A 5 9.22 -3.52 -6.29
CA SER A 5 7.88 -4.07 -6.41
C SER A 5 7.30 -3.82 -7.79
N SER A 6 6.67 -4.84 -8.37
CA SER A 6 6.09 -4.73 -9.69
C SER A 6 4.88 -3.78 -9.68
N GLY A 7 4.80 -2.91 -10.69
CA GLY A 7 3.70 -1.97 -10.77
C GLY A 7 2.60 -2.45 -11.70
N ASN A 8 2.77 -2.19 -12.98
CA ASN A 8 1.77 -2.59 -13.98
C ASN A 8 0.39 -2.09 -13.60
N ASN A 9 0.32 -0.85 -13.12
CA ASN A 9 -0.95 -0.26 -12.72
C ASN A 9 -1.75 -1.22 -11.86
N SER A 10 -1.08 -1.88 -10.92
CA SER A 10 -1.73 -2.83 -10.03
C SER A 10 -2.24 -2.13 -8.77
N LEU A 11 -3.17 -2.79 -8.08
CA LEU A 11 -3.75 -2.22 -6.86
C LEU A 11 -2.66 -1.80 -5.89
N VAL A 12 -3.07 -1.23 -4.76
CA VAL A 12 -2.13 -0.78 -3.75
C VAL A 12 -1.90 -1.85 -2.68
N PRO A 13 -0.62 -2.03 -2.29
CA PRO A 13 -0.24 -3.02 -1.28
C PRO A 13 -0.73 -2.65 0.11
N LYS A 14 -1.88 -3.19 0.50
CA LYS A 14 -2.45 -2.92 1.81
C LYS A 14 -2.06 -4.00 2.81
N TYR A 15 -2.30 -3.74 4.09
CA TYR A 15 -1.98 -4.68 5.15
C TYR A 15 -2.98 -4.59 6.30
N HIS A 16 -2.92 -5.56 7.20
CA HIS A 16 -3.81 -5.59 8.36
C HIS A 16 -3.06 -5.27 9.64
N PRO A 17 -3.15 -4.02 10.11
CA PRO A 17 -2.49 -3.57 11.33
C PRO A 17 -3.10 -4.19 12.58
N ASN A 18 -4.08 -5.07 12.38
CA ASN A 18 -4.75 -5.72 13.50
C ASN A 18 -4.93 -7.21 13.23
N PHE A 19 -5.55 -7.91 14.17
CA PHE A 19 -5.79 -9.34 14.03
C PHE A 19 -7.25 -9.61 13.64
N TRP A 20 -7.59 -10.89 13.52
CA TRP A 20 -8.94 -11.29 13.15
C TRP A 20 -9.64 -11.97 14.31
N MET A 21 -10.80 -11.43 14.70
CA MET A 21 -11.58 -12.00 15.80
C MET A 21 -13.03 -12.17 15.41
N ASP A 22 -13.82 -12.75 16.31
CA ASP A 22 -15.24 -12.98 16.04
C ASP A 22 -15.48 -13.25 14.57
N GLY A 23 -14.70 -14.16 14.00
CA GLY A 23 -14.84 -14.49 12.60
C GLY A 23 -14.83 -13.27 11.70
N LYS A 24 -13.87 -12.38 11.94
CA LYS A 24 -13.75 -11.16 11.15
C LYS A 24 -12.51 -10.37 11.57
N TRP A 25 -12.11 -9.41 10.74
CA TRP A 25 -10.95 -8.58 11.02
C TRP A 25 -11.26 -7.58 12.12
N ARG A 26 -10.20 -7.00 12.69
CA ARG A 26 -10.36 -6.02 13.76
C ARG A 26 -10.05 -4.62 13.27
N CYS A 27 -9.19 -4.54 12.25
CA CYS A 27 -8.80 -3.25 11.68
C CYS A 27 -9.81 -2.80 10.62
N CYS A 28 -10.26 -3.75 9.81
CA CYS A 28 -11.23 -3.45 8.76
C CYS A 28 -12.56 -4.17 9.02
N SER A 29 -12.48 -5.32 9.68
CA SER A 29 -13.66 -6.11 9.97
C SER A 29 -14.42 -6.47 8.70
N GLN A 30 -13.67 -6.86 7.67
CA GLN A 30 -14.27 -7.24 6.40
C GLN A 30 -14.97 -8.60 6.50
N LEU A 31 -16.18 -8.67 5.99
CA LEU A 31 -16.96 -9.91 6.02
C LEU A 31 -16.12 -11.09 5.54
N GLU A 32 -15.23 -10.83 4.58
CA GLU A 32 -14.36 -11.87 4.04
C GLU A 32 -13.37 -12.35 5.10
N LYS A 33 -12.96 -13.61 4.98
CA LYS A 33 -12.01 -14.20 5.92
C LYS A 33 -10.57 -13.99 5.46
N LEU A 34 -10.38 -14.01 4.14
CA LEU A 34 -9.06 -13.82 3.57
C LEU A 34 -8.96 -12.48 2.85
N ALA A 35 -9.74 -11.51 3.31
CA ALA A 35 -9.75 -10.18 2.70
C ALA A 35 -8.33 -9.61 2.65
N THR A 36 -8.06 -8.81 1.61
CA THR A 36 -6.76 -8.20 1.43
C THR A 36 -6.56 -7.02 2.39
N GLY A 37 -5.33 -6.80 2.81
CA GLY A 37 -5.03 -5.70 3.71
C GLY A 37 -5.93 -4.50 3.47
N CYS A 38 -6.28 -3.79 4.54
CA CYS A 38 -7.13 -2.63 4.45
C CYS A 38 -6.30 -1.35 4.49
N ALA A 39 -5.31 -1.32 5.37
CA ALA A 39 -4.44 -0.15 5.52
C ALA A 39 -3.52 -0.01 4.31
N GLN A 40 -3.53 1.17 3.70
CA GLN A 40 -2.69 1.43 2.53
C GLN A 40 -1.26 1.71 2.95
N TYR A 41 -0.31 1.07 2.25
CA TYR A 41 1.10 1.25 2.55
C TYR A 41 1.46 2.72 2.65
N ASP A 42 2.74 3.00 2.90
CA ASP A 42 3.22 4.37 3.00
C ASP A 42 4.22 4.68 1.91
N PRO A 43 3.78 5.42 0.88
CA PRO A 43 4.62 5.80 -0.26
C PRO A 43 5.69 6.82 0.14
N THR A 44 5.28 7.82 0.92
CA THR A 44 6.20 8.86 1.37
C THR A 44 6.92 8.46 2.64
N LYS A 45 7.93 7.60 2.49
CA LYS A 45 8.71 7.13 3.64
C LYS A 45 10.20 7.25 3.37
N ASN A 46 10.71 8.47 3.36
CA ASN A 46 12.12 8.71 3.12
C ASN A 46 12.66 7.77 2.06
N ALA A 47 11.89 7.58 0.99
CA ALA A 47 12.29 6.69 -0.10
C ALA A 47 11.41 6.92 -1.33
N SER A 48 11.72 6.20 -2.41
CA SER A 48 10.96 6.32 -3.65
C SER A 48 10.72 4.95 -4.27
N LYS A 49 9.57 4.81 -4.94
CA LYS A 49 9.21 3.55 -5.58
C LYS A 49 10.24 3.17 -6.64
N LYS A 50 11.01 4.15 -7.10
CA LYS A 50 12.03 3.91 -8.11
C LYS A 50 13.05 5.06 -8.14
N PRO A 51 14.33 4.70 -8.31
CA PRO A 51 15.42 5.68 -8.35
C PRO A 51 15.39 6.51 -9.63
N LEU A 52 15.55 7.83 -9.47
CA LEU A 52 15.54 8.74 -10.60
C LEU A 52 16.82 8.60 -11.42
N PRO A 53 16.77 9.05 -12.68
CA PRO A 53 17.91 8.99 -13.60
C PRO A 53 19.02 9.96 -13.20
N PRO A 54 20.19 9.82 -13.85
CA PRO A 54 21.34 10.68 -13.59
C PRO A 54 21.13 12.10 -14.07
N THR A 55 21.62 13.07 -13.30
CA THR A 55 21.49 14.48 -13.65
C THR A 55 22.72 15.27 -13.22
N PRO A 56 22.89 16.46 -13.83
CA PRO A 56 24.02 17.34 -13.53
C PRO A 56 23.92 17.95 -12.13
N GLU A 57 24.88 18.82 -11.81
CA GLU A 57 24.88 19.48 -10.51
C GLU A 57 23.47 19.75 -10.01
N ASP A 58 23.12 19.16 -8.88
CA ASP A 58 21.79 19.33 -8.30
C ASP A 58 21.88 19.80 -6.85
N ASN A 59 20.74 20.15 -6.28
CA ASN A 59 20.70 20.62 -4.90
C ASN A 59 19.26 20.56 -4.35
N ARG A 60 19.14 20.28 -3.05
CA ARG A 60 17.84 20.19 -2.41
C ARG A 60 16.87 21.21 -3.01
N ARG A 61 15.62 20.78 -3.21
CA ARG A 61 14.61 21.65 -3.78
C ARG A 61 13.53 21.98 -2.74
N PRO A 62 13.10 23.25 -2.72
CA PRO A 62 12.08 23.73 -1.79
C PRO A 62 10.69 23.16 -2.11
N LEU A 63 9.70 23.56 -1.31
CA LEU A 63 8.33 23.10 -1.52
C LEU A 63 7.35 24.26 -1.45
N TRP A 64 7.76 25.41 -1.97
CA TRP A 64 6.91 26.60 -1.97
C TRP A 64 5.45 26.21 -2.16
N GLY A 1 15.67 18.24 -6.81
CA GLY A 1 15.25 17.24 -7.77
C GLY A 1 15.24 15.84 -7.20
N SER A 2 14.07 15.24 -7.13
CA SER A 2 13.93 13.89 -6.58
C SER A 2 12.54 13.33 -6.87
N SER A 3 12.49 12.05 -7.22
CA SER A 3 11.22 11.39 -7.53
C SER A 3 11.13 10.04 -6.83
N GLY A 4 9.92 9.65 -6.46
CA GLY A 4 9.71 8.38 -5.78
C GLY A 4 10.03 7.19 -6.67
N SER A 5 11.11 6.48 -6.35
CA SER A 5 11.51 5.33 -7.14
C SER A 5 10.39 4.30 -7.21
N SER A 6 9.84 3.94 -6.05
CA SER A 6 8.76 2.97 -5.98
C SER A 6 7.77 3.16 -7.12
N GLY A 7 7.45 2.08 -7.81
CA GLY A 7 6.52 2.14 -8.92
C GLY A 7 5.96 0.79 -9.30
N ASN A 8 4.90 0.38 -8.62
CA ASN A 8 4.26 -0.91 -8.88
C ASN A 8 2.94 -0.72 -9.63
N ASN A 9 2.93 -1.13 -10.90
CA ASN A 9 1.73 -1.00 -11.72
C ASN A 9 0.49 -1.46 -10.95
N SER A 10 0.50 -2.72 -10.53
CA SER A 10 -0.62 -3.28 -9.78
C SER A 10 -1.01 -2.37 -8.61
N LEU A 11 -2.21 -2.58 -8.09
CA LEU A 11 -2.71 -1.78 -6.97
C LEU A 11 -1.65 -1.69 -5.86
N VAL A 12 -1.97 -0.92 -4.82
CA VAL A 12 -1.05 -0.74 -3.71
C VAL A 12 -1.19 -1.88 -2.70
N PRO A 13 -0.05 -2.40 -2.23
CA PRO A 13 -0.02 -3.49 -1.24
C PRO A 13 -0.51 -3.05 0.13
N LYS A 14 -1.73 -3.43 0.48
CA LYS A 14 -2.30 -3.07 1.76
C LYS A 14 -1.92 -4.09 2.84
N TYR A 15 -2.30 -3.81 4.08
CA TYR A 15 -1.99 -4.70 5.19
C TYR A 15 -3.04 -4.57 6.29
N HIS A 16 -2.95 -5.46 7.28
CA HIS A 16 -3.89 -5.45 8.41
C HIS A 16 -3.20 -5.02 9.70
N PRO A 17 -3.45 -3.78 10.12
CA PRO A 17 -2.86 -3.22 11.34
C PRO A 17 -3.40 -3.89 12.61
N ASN A 18 -4.35 -4.79 12.43
CA ASN A 18 -4.96 -5.50 13.55
C ASN A 18 -5.03 -7.00 13.28
N PHE A 19 -5.55 -7.75 14.26
CA PHE A 19 -5.67 -9.20 14.12
C PHE A 19 -7.02 -9.58 13.54
N TRP A 20 -7.19 -10.86 13.24
CA TRP A 20 -8.44 -11.36 12.68
C TRP A 20 -9.09 -12.37 13.61
N MET A 21 -10.09 -11.91 14.38
CA MET A 21 -10.79 -12.77 15.31
C MET A 21 -11.74 -13.71 14.57
N ASP A 22 -11.89 -14.93 15.08
CA ASP A 22 -12.77 -15.92 14.48
C ASP A 22 -14.00 -15.25 13.87
N GLY A 23 -14.45 -14.17 14.50
CA GLY A 23 -15.61 -13.46 14.01
C GLY A 23 -15.31 -12.65 12.77
N LYS A 24 -14.37 -11.73 12.87
CA LYS A 24 -13.98 -10.88 11.74
C LYS A 24 -12.80 -10.00 12.10
N TRP A 25 -12.41 -9.14 11.17
CA TRP A 25 -11.28 -8.24 11.38
C TRP A 25 -11.67 -7.09 12.30
N ARG A 26 -10.71 -6.60 13.08
CA ARG A 26 -10.97 -5.50 14.01
C ARG A 26 -10.59 -4.16 13.38
N CYS A 27 -9.69 -4.20 12.41
CA CYS A 27 -9.24 -2.99 11.72
C CYS A 27 -10.18 -2.64 10.57
N CYS A 28 -10.50 -3.64 9.76
CA CYS A 28 -11.38 -3.44 8.61
C CYS A 28 -12.68 -4.22 8.80
N SER A 29 -12.61 -5.31 9.55
CA SER A 29 -13.78 -6.15 9.80
C SER A 29 -14.49 -6.48 8.49
N GLN A 30 -13.72 -6.89 7.48
CA GLN A 30 -14.29 -7.23 6.18
C GLN A 30 -15.02 -8.57 6.24
N LEU A 31 -16.21 -8.61 5.66
CA LEU A 31 -17.00 -9.84 5.63
C LEU A 31 -16.20 -11.00 5.07
N GLU A 32 -15.43 -10.72 4.02
CA GLU A 32 -14.61 -11.75 3.37
C GLU A 32 -13.67 -12.41 4.38
N LYS A 33 -13.49 -13.71 4.26
CA LYS A 33 -12.62 -14.46 5.16
C LYS A 33 -11.16 -14.12 4.90
N LEU A 34 -10.73 -14.32 3.66
CA LEU A 34 -9.34 -14.03 3.27
C LEU A 34 -9.18 -12.58 2.84
N ALA A 35 -10.00 -11.71 3.42
CA ALA A 35 -9.95 -10.29 3.09
C ALA A 35 -8.52 -9.82 2.89
N THR A 36 -8.32 -8.87 1.98
CA THR A 36 -7.00 -8.34 1.69
C THR A 36 -6.70 -7.11 2.54
N GLY A 37 -5.41 -6.86 2.79
CA GLY A 37 -5.02 -5.73 3.60
C GLY A 37 -5.91 -4.53 3.39
N CYS A 38 -6.27 -3.86 4.48
CA CYS A 38 -7.14 -2.68 4.41
C CYS A 38 -6.31 -1.40 4.43
N ALA A 39 -5.29 -1.37 5.28
CA ALA A 39 -4.42 -0.20 5.40
C ALA A 39 -3.38 -0.18 4.28
N GLN A 40 -3.16 0.99 3.71
CA GLN A 40 -2.20 1.14 2.63
C GLN A 40 -0.78 1.33 3.19
N TYR A 41 0.14 0.49 2.75
CA TYR A 41 1.52 0.56 3.21
C TYR A 41 2.00 2.01 3.24
N ASP A 42 2.97 2.29 4.12
CA ASP A 42 3.52 3.63 4.25
C ASP A 42 5.04 3.61 4.08
N PRO A 43 5.53 4.34 3.07
CA PRO A 43 6.97 4.42 2.79
C PRO A 43 7.73 5.20 3.84
N THR A 44 7.22 6.40 4.17
CA THR A 44 7.86 7.24 5.17
C THR A 44 7.90 6.55 6.53
N LYS A 45 6.77 5.99 6.94
CA LYS A 45 6.69 5.30 8.22
C LYS A 45 8.00 4.58 8.54
N ASN A 46 8.50 3.81 7.58
CA ASN A 46 9.74 3.07 7.76
C ASN A 46 10.90 3.78 7.06
N ALA A 47 10.73 4.03 5.76
CA ALA A 47 11.76 4.70 4.98
C ALA A 47 11.91 6.16 5.40
N SER A 48 13.15 6.62 5.52
CA SER A 48 13.42 7.99 5.92
C SER A 48 13.77 8.86 4.71
N LYS A 49 12.74 9.39 4.07
CA LYS A 49 12.93 10.24 2.89
C LYS A 49 12.42 11.65 3.15
N LYS A 50 11.14 11.75 3.51
CA LYS A 50 10.52 13.04 3.79
C LYS A 50 11.11 13.67 5.06
N PRO A 51 10.94 14.99 5.21
CA PRO A 51 11.44 15.72 6.37
C PRO A 51 10.66 15.40 7.64
N LEU A 52 11.39 15.17 8.72
CA LEU A 52 10.76 14.84 10.00
C LEU A 52 10.60 16.09 10.86
N PRO A 53 9.61 16.06 11.78
CA PRO A 53 9.34 17.18 12.67
C PRO A 53 10.42 17.37 13.72
N PRO A 54 10.37 18.50 14.44
CA PRO A 54 11.35 18.83 15.49
C PRO A 54 11.22 17.91 16.71
N THR A 55 12.19 18.01 17.61
CA THR A 55 12.18 17.20 18.83
C THR A 55 11.88 18.05 20.06
N PRO A 56 11.29 17.42 21.08
CA PRO A 56 10.94 18.10 22.33
C PRO A 56 12.17 18.46 23.16
N GLU A 57 13.35 18.17 22.61
CA GLU A 57 14.60 18.47 23.29
C GLU A 57 15.35 19.59 22.60
N ASP A 58 14.60 20.57 22.09
CA ASP A 58 15.19 21.72 21.41
C ASP A 58 15.77 22.72 22.40
N ASN A 59 16.50 23.70 21.89
CA ASN A 59 17.11 24.71 22.75
C ASN A 59 16.14 25.87 22.99
N ARG A 60 15.68 26.48 21.91
CA ARG A 60 14.75 27.61 22.01
C ARG A 60 13.47 27.32 21.24
N ARG A 61 12.33 27.47 21.91
CA ARG A 61 11.03 27.22 21.28
C ARG A 61 10.02 28.26 21.73
N PRO A 62 9.14 28.67 20.79
CA PRO A 62 8.09 29.66 21.06
C PRO A 62 7.01 29.13 21.99
N LEU A 63 6.45 30.02 22.82
CA LEU A 63 5.41 29.64 23.75
C LEU A 63 4.26 30.64 23.72
N TRP A 64 3.44 30.54 22.69
CA TRP A 64 2.29 31.44 22.54
C TRP A 64 1.22 30.81 21.65
N GLY A 1 5.58 1.51 -8.86
CA GLY A 1 4.42 1.61 -9.73
C GLY A 1 4.59 2.65 -10.82
N SER A 2 4.31 2.26 -12.05
CA SER A 2 4.45 3.16 -13.19
C SER A 2 3.12 3.29 -13.94
N SER A 3 2.03 3.40 -13.19
CA SER A 3 0.71 3.51 -13.79
C SER A 3 -0.35 3.83 -12.73
N GLY A 4 -1.57 4.09 -13.17
CA GLY A 4 -2.64 4.40 -12.24
C GLY A 4 -2.95 5.89 -12.19
N SER A 5 -3.57 6.39 -13.26
CA SER A 5 -3.91 7.80 -13.33
C SER A 5 -5.42 8.00 -13.32
N SER A 6 -6.12 7.26 -14.16
CA SER A 6 -7.58 7.34 -14.26
C SER A 6 -8.19 5.99 -14.58
N GLY A 7 -8.87 5.40 -13.60
CA GLY A 7 -9.50 4.11 -13.81
C GLY A 7 -10.36 3.68 -12.64
N ASN A 8 -10.92 2.48 -12.71
CA ASN A 8 -11.77 1.96 -11.66
C ASN A 8 -11.08 0.85 -10.88
N ASN A 9 -9.80 1.06 -10.60
CA ASN A 9 -9.02 0.07 -9.85
C ASN A 9 -7.82 0.73 -9.17
N SER A 10 -7.57 0.32 -7.92
CA SER A 10 -6.46 0.87 -7.16
C SER A 10 -5.25 -0.05 -7.22
N LEU A 11 -5.45 -1.31 -6.84
CA LEU A 11 -4.38 -2.29 -6.86
C LEU A 11 -3.22 -1.85 -5.97
N VAL A 12 -3.55 -1.37 -4.77
CA VAL A 12 -2.54 -0.90 -3.82
C VAL A 12 -2.27 -1.96 -2.75
N PRO A 13 -0.99 -2.17 -2.44
CA PRO A 13 -0.57 -3.15 -1.44
C PRO A 13 -0.94 -2.73 -0.02
N LYS A 14 -2.06 -3.23 0.47
CA LYS A 14 -2.53 -2.90 1.81
C LYS A 14 -2.09 -3.96 2.82
N TYR A 15 -2.30 -3.68 4.10
CA TYR A 15 -1.93 -4.60 5.16
C TYR A 15 -2.96 -4.58 6.29
N HIS A 16 -2.83 -5.52 7.22
CA HIS A 16 -3.73 -5.61 8.35
C HIS A 16 -3.02 -5.28 9.65
N PRO A 17 -3.13 -4.01 10.08
CA PRO A 17 -2.49 -3.53 11.32
C PRO A 17 -3.15 -4.12 12.57
N ASN A 18 -4.12 -5.00 12.36
CA ASN A 18 -4.83 -5.62 13.48
C ASN A 18 -5.14 -7.08 13.16
N PHE A 19 -5.34 -7.88 14.21
CA PHE A 19 -5.65 -9.29 14.05
C PHE A 19 -7.12 -9.50 13.72
N TRP A 20 -7.50 -10.75 13.50
CA TRP A 20 -8.88 -11.08 13.16
C TRP A 20 -9.48 -12.03 14.21
N MET A 21 -10.69 -11.72 14.66
CA MET A 21 -11.37 -12.54 15.64
C MET A 21 -12.88 -12.47 15.47
N ASP A 22 -13.57 -13.54 15.86
CA ASP A 22 -15.03 -13.59 15.74
C ASP A 22 -15.45 -13.63 14.28
N GLY A 23 -14.75 -14.43 13.47
CA GLY A 23 -15.08 -14.53 12.06
C GLY A 23 -15.04 -13.19 11.36
N LYS A 24 -14.07 -12.36 11.71
CA LYS A 24 -13.93 -11.04 11.11
C LYS A 24 -12.65 -10.36 11.56
N TRP A 25 -12.29 -9.28 10.90
CA TRP A 25 -11.09 -8.53 11.23
C TRP A 25 -11.37 -7.45 12.26
N ARG A 26 -10.32 -6.81 12.76
CA ARG A 26 -10.47 -5.76 13.76
C ARG A 26 -10.18 -4.39 13.14
N CYS A 27 -9.17 -4.33 12.28
CA CYS A 27 -8.79 -3.10 11.63
C CYS A 27 -9.78 -2.74 10.52
N CYS A 28 -10.24 -3.75 9.79
CA CYS A 28 -11.18 -3.55 8.70
C CYS A 28 -12.50 -4.25 8.99
N SER A 29 -12.43 -5.39 9.67
CA SER A 29 -13.62 -6.15 10.01
C SER A 29 -14.42 -6.51 8.76
N GLN A 30 -13.71 -6.85 7.69
CA GLN A 30 -14.35 -7.21 6.43
C GLN A 30 -15.20 -8.46 6.59
N LEU A 31 -16.19 -8.61 5.71
CA LEU A 31 -17.08 -9.76 5.76
C LEU A 31 -16.55 -10.90 4.89
N GLU A 32 -15.23 -11.10 4.94
CA GLU A 32 -14.59 -12.15 4.15
C GLU A 32 -13.67 -13.00 5.02
N LYS A 33 -13.08 -14.03 4.44
CA LYS A 33 -12.17 -14.91 5.15
C LYS A 33 -10.72 -14.66 4.73
N LEU A 34 -10.53 -14.45 3.43
CA LEU A 34 -9.19 -14.20 2.89
C LEU A 34 -8.96 -12.71 2.67
N ALA A 35 -9.82 -11.89 3.25
CA ALA A 35 -9.71 -10.44 3.14
C ALA A 35 -8.26 -10.00 3.09
N THR A 36 -7.93 -9.11 2.16
CA THR A 36 -6.57 -8.62 2.01
C THR A 36 -6.37 -7.34 2.81
N GLY A 37 -5.11 -6.96 3.02
CA GLY A 37 -4.80 -5.76 3.77
C GLY A 37 -5.82 -4.66 3.53
N CYS A 38 -6.05 -3.83 4.55
CA CYS A 38 -7.00 -2.74 4.45
C CYS A 38 -6.30 -1.40 4.55
N ALA A 39 -5.25 -1.34 5.37
CA ALA A 39 -4.49 -0.11 5.55
C ALA A 39 -3.44 0.05 4.44
N GLN A 40 -3.63 1.08 3.61
CA GLN A 40 -2.71 1.34 2.52
C GLN A 40 -1.27 1.38 3.01
N TYR A 41 -0.36 0.86 2.20
CA TYR A 41 1.06 0.84 2.56
C TYR A 41 1.53 2.20 3.06
N ASP A 42 2.67 2.21 3.73
CA ASP A 42 3.22 3.45 4.26
C ASP A 42 4.56 3.78 3.58
N PRO A 43 4.53 4.78 2.70
CA PRO A 43 5.73 5.21 1.97
C PRO A 43 6.74 5.91 2.87
N THR A 44 6.27 6.86 3.66
CA THR A 44 7.14 7.60 4.58
C THR A 44 7.80 6.67 5.57
N LYS A 45 7.00 5.86 6.25
CA LYS A 45 7.50 4.91 7.24
C LYS A 45 8.87 4.37 6.83
N ASN A 46 8.98 3.97 5.56
CA ASN A 46 10.24 3.44 5.04
C ASN A 46 10.24 3.43 3.52
N ALA A 47 11.24 4.06 2.93
CA ALA A 47 11.35 4.12 1.47
C ALA A 47 11.31 2.72 0.85
N SER A 48 11.13 2.67 -0.46
CA SER A 48 11.07 1.39 -1.17
C SER A 48 11.95 1.42 -2.41
N LYS A 49 12.29 0.24 -2.91
CA LYS A 49 13.13 0.12 -4.11
C LYS A 49 12.29 0.18 -5.38
N LYS A 50 12.00 1.39 -5.83
CA LYS A 50 11.20 1.57 -7.04
C LYS A 50 11.65 2.83 -7.80
N PRO A 51 11.35 2.86 -9.10
CA PRO A 51 11.72 3.99 -9.96
C PRO A 51 10.91 5.25 -9.64
N LEU A 52 11.11 6.30 -10.43
CA LEU A 52 10.40 7.56 -10.23
C LEU A 52 9.24 7.69 -11.22
N PRO A 53 8.26 8.54 -10.87
CA PRO A 53 7.08 8.77 -11.70
C PRO A 53 7.43 9.54 -12.98
N PRO A 54 6.97 9.01 -14.13
CA PRO A 54 7.21 9.63 -15.43
C PRO A 54 6.44 10.94 -15.61
N THR A 55 6.52 11.51 -16.81
CA THR A 55 5.84 12.76 -17.10
C THR A 55 4.67 12.53 -18.06
N PRO A 56 3.65 13.40 -17.97
CA PRO A 56 2.46 13.30 -18.81
C PRO A 56 2.75 13.66 -20.27
N GLU A 57 1.71 13.68 -21.09
CA GLU A 57 1.87 14.01 -22.50
C GLU A 57 1.08 15.27 -22.86
N ASP A 58 1.07 15.60 -24.14
CA ASP A 58 0.35 16.79 -24.61
C ASP A 58 -1.13 16.49 -24.80
N ASN A 59 -1.89 17.52 -25.17
CA ASN A 59 -3.34 17.36 -25.37
C ASN A 59 -3.77 18.03 -26.67
N ARG A 60 -5.08 18.04 -26.91
CA ARG A 60 -5.62 18.65 -28.12
C ARG A 60 -5.13 17.93 -29.36
N ARG A 61 -5.20 16.60 -29.35
CA ARG A 61 -4.76 15.79 -30.47
C ARG A 61 -5.51 16.16 -31.74
N PRO A 62 -4.87 15.95 -32.91
CA PRO A 62 -5.46 16.26 -34.21
C PRO A 62 -6.61 15.32 -34.56
N LEU A 63 -7.27 15.59 -35.68
CA LEU A 63 -8.39 14.77 -36.13
C LEU A 63 -8.15 13.30 -35.78
N TRP A 64 -6.92 12.84 -35.98
CA TRP A 64 -6.57 11.46 -35.69
C TRP A 64 -7.33 10.94 -34.47
N GLY A 1 -18.64 -14.88 -7.63
CA GLY A 1 -17.60 -14.22 -6.88
C GLY A 1 -16.28 -14.95 -6.95
N SER A 2 -15.41 -14.70 -5.98
CA SER A 2 -14.10 -15.34 -5.94
C SER A 2 -13.45 -15.34 -7.32
N SER A 3 -13.56 -14.21 -8.02
CA SER A 3 -12.98 -14.08 -9.34
C SER A 3 -11.63 -14.76 -9.42
N GLY A 4 -10.75 -14.46 -8.47
CA GLY A 4 -9.43 -15.05 -8.45
C GLY A 4 -8.38 -14.16 -9.08
N SER A 5 -8.09 -13.05 -8.43
CA SER A 5 -7.09 -12.10 -8.93
C SER A 5 -5.79 -12.82 -9.26
N SER A 6 -4.98 -12.19 -10.11
CA SER A 6 -3.69 -12.76 -10.51
C SER A 6 -2.54 -12.03 -9.84
N GLY A 7 -2.70 -11.73 -8.56
CA GLY A 7 -1.66 -11.03 -7.82
C GLY A 7 -1.98 -9.56 -7.62
N ASN A 8 -1.21 -8.69 -8.25
CA ASN A 8 -1.41 -7.26 -8.14
C ASN A 8 -1.66 -6.62 -9.51
N ASN A 9 -2.93 -6.51 -9.87
CA ASN A 9 -3.29 -5.92 -11.16
C ASN A 9 -3.81 -4.50 -10.99
N SER A 10 -2.91 -3.53 -11.17
CA SER A 10 -3.28 -2.12 -11.03
C SER A 10 -3.93 -1.86 -9.67
N LEU A 11 -3.36 -2.45 -8.63
CA LEU A 11 -3.89 -2.28 -7.28
C LEU A 11 -2.75 -2.02 -6.28
N VAL A 12 -3.05 -1.23 -5.25
CA VAL A 12 -2.06 -0.90 -4.23
C VAL A 12 -2.05 -1.95 -3.12
N PRO A 13 -0.84 -2.33 -2.70
CA PRO A 13 -0.66 -3.33 -1.63
C PRO A 13 -1.10 -2.82 -0.26
N LYS A 14 -2.04 -3.51 0.35
CA LYS A 14 -2.55 -3.12 1.66
C LYS A 14 -2.06 -4.08 2.74
N TYR A 15 -2.37 -3.77 3.99
CA TYR A 15 -1.98 -4.62 5.11
C TYR A 15 -2.97 -4.52 6.26
N HIS A 16 -2.83 -5.38 7.25
CA HIS A 16 -3.71 -5.39 8.40
C HIS A 16 -2.95 -5.01 9.67
N PRO A 17 -3.19 -3.79 10.15
CA PRO A 17 -2.54 -3.27 11.36
C PRO A 17 -3.03 -3.97 12.63
N ASN A 18 -4.05 -4.81 12.47
CA ASN A 18 -4.62 -5.54 13.60
C ASN A 18 -4.85 -7.01 13.24
N PHE A 19 -5.28 -7.79 14.22
CA PHE A 19 -5.54 -9.21 14.02
C PHE A 19 -7.02 -9.44 13.69
N TRP A 20 -7.37 -10.70 13.43
CA TRP A 20 -8.74 -11.06 13.11
C TRP A 20 -9.34 -11.97 14.18
N MET A 21 -10.60 -11.72 14.53
CA MET A 21 -11.28 -12.52 15.53
C MET A 21 -12.79 -12.50 15.31
N ASP A 22 -13.47 -13.54 15.80
CA ASP A 22 -14.92 -13.64 15.65
C ASP A 22 -15.31 -13.72 14.19
N GLY A 23 -14.54 -14.48 13.41
CA GLY A 23 -14.83 -14.62 12.00
C GLY A 23 -14.83 -13.30 11.26
N LYS A 24 -13.87 -12.44 11.60
CA LYS A 24 -13.77 -11.12 10.97
C LYS A 24 -12.51 -10.40 11.43
N TRP A 25 -12.23 -9.26 10.82
CA TRP A 25 -11.05 -8.47 11.17
C TRP A 25 -11.39 -7.44 12.24
N ARG A 26 -10.36 -6.82 12.81
CA ARG A 26 -10.55 -5.81 13.84
C ARG A 26 -10.33 -4.40 13.28
N CYS A 27 -9.33 -4.27 12.40
CA CYS A 27 -9.01 -2.99 11.80
C CYS A 27 -10.01 -2.64 10.70
N CYS A 28 -10.35 -3.62 9.88
CA CYS A 28 -11.29 -3.42 8.79
C CYS A 28 -12.60 -4.15 9.06
N SER A 29 -12.51 -5.28 9.75
CA SER A 29 -13.69 -6.08 10.08
C SER A 29 -14.52 -6.36 8.83
N GLN A 30 -13.83 -6.69 7.73
CA GLN A 30 -14.51 -6.99 6.48
C GLN A 30 -15.37 -8.23 6.60
N LEU A 31 -16.33 -8.38 5.69
CA LEU A 31 -17.23 -9.52 5.69
C LEU A 31 -16.70 -10.64 4.80
N GLU A 32 -15.39 -10.85 4.84
CA GLU A 32 -14.76 -11.89 4.03
C GLU A 32 -13.82 -12.75 4.88
N LYS A 33 -13.34 -13.83 4.30
CA LYS A 33 -12.44 -14.74 5.00
C LYS A 33 -10.99 -14.32 4.80
N LEU A 34 -10.55 -14.26 3.54
CA LEU A 34 -9.19 -13.87 3.22
C LEU A 34 -9.13 -12.42 2.78
N ALA A 35 -9.97 -11.58 3.39
CA ALA A 35 -10.01 -10.16 3.06
C ALA A 35 -8.60 -9.58 2.98
N THR A 36 -8.24 -9.06 1.80
CA THR A 36 -6.93 -8.47 1.59
C THR A 36 -6.71 -7.28 2.52
N GLY A 37 -5.43 -6.97 2.77
CA GLY A 37 -5.11 -5.85 3.64
C GLY A 37 -6.04 -4.67 3.43
N CYS A 38 -6.28 -3.92 4.51
CA CYS A 38 -7.17 -2.76 4.44
C CYS A 38 -6.36 -1.47 4.49
N ALA A 39 -5.35 -1.44 5.36
CA ALA A 39 -4.50 -0.26 5.51
C ALA A 39 -3.50 -0.16 4.35
N GLN A 40 -3.36 1.03 3.80
CA GLN A 40 -2.43 1.25 2.69
C GLN A 40 -1.01 1.42 3.20
N TYR A 41 -0.06 0.76 2.54
CA TYR A 41 1.33 0.83 2.92
C TYR A 41 1.73 2.27 3.24
N ASP A 42 2.73 2.43 4.10
CA ASP A 42 3.22 3.75 4.48
C ASP A 42 4.46 4.12 3.69
N PRO A 43 4.36 5.18 2.88
CA PRO A 43 5.48 5.66 2.06
C PRO A 43 6.59 6.29 2.89
N THR A 44 6.21 7.22 3.76
CA THR A 44 7.17 7.90 4.62
C THR A 44 7.82 6.93 5.59
N LYS A 45 7.13 5.84 5.88
CA LYS A 45 7.63 4.82 6.80
C LYS A 45 8.89 4.16 6.24
N ASN A 46 8.86 3.83 4.95
CA ASN A 46 9.99 3.19 4.31
C ASN A 46 10.06 3.58 2.83
N ALA A 47 11.09 4.36 2.48
CA ALA A 47 11.28 4.80 1.11
C ALA A 47 11.97 3.73 0.27
N SER A 48 11.45 3.51 -0.94
CA SER A 48 12.01 2.51 -1.84
C SER A 48 11.35 2.58 -3.21
N LYS A 49 12.17 2.63 -4.26
CA LYS A 49 11.67 2.69 -5.63
C LYS A 49 10.81 1.47 -5.95
N LYS A 50 11.43 0.30 -5.91
CA LYS A 50 10.73 -0.95 -6.20
C LYS A 50 9.90 -1.39 -5.00
N PRO A 51 8.66 -1.85 -5.26
CA PRO A 51 7.75 -2.32 -4.21
C PRO A 51 8.21 -3.63 -3.59
N LEU A 52 8.17 -3.69 -2.26
CA LEU A 52 8.58 -4.88 -1.54
C LEU A 52 7.36 -5.62 -0.96
N PRO A 53 7.53 -6.93 -0.73
CA PRO A 53 6.46 -7.77 -0.18
C PRO A 53 6.16 -7.45 1.28
N PRO A 54 5.06 -8.01 1.80
CA PRO A 54 4.64 -7.81 3.19
C PRO A 54 5.58 -8.49 4.18
N THR A 55 5.17 -8.50 5.45
CA THR A 55 5.98 -9.12 6.50
C THR A 55 6.72 -10.34 5.97
N PRO A 56 7.97 -10.53 6.45
CA PRO A 56 8.80 -11.66 6.05
C PRO A 56 8.28 -12.99 6.58
N GLU A 57 8.89 -14.09 6.14
CA GLU A 57 8.49 -15.42 6.57
C GLU A 57 9.66 -16.16 7.22
N ASP A 58 10.47 -15.42 7.97
CA ASP A 58 11.63 -16.00 8.64
C ASP A 58 12.03 -15.16 9.86
N ASN A 59 13.08 -15.59 10.55
CA ASN A 59 13.56 -14.89 11.73
C ASN A 59 13.99 -13.46 11.37
N ARG A 60 14.15 -12.63 12.40
CA ARG A 60 14.55 -11.24 12.20
C ARG A 60 16.07 -11.15 11.96
N ARG A 61 16.47 -10.19 11.14
CA ARG A 61 17.88 -10.00 10.83
C ARG A 61 18.58 -9.22 11.94
N PRO A 62 19.81 -9.62 12.26
CA PRO A 62 20.62 -8.97 13.30
C PRO A 62 21.07 -7.57 12.90
N LEU A 63 21.49 -6.78 13.89
CA LEU A 63 21.95 -5.43 13.64
C LEU A 63 23.37 -5.23 14.16
N TRP A 64 24.35 -5.71 13.40
CA TRP A 64 25.75 -5.58 13.77
C TRP A 64 26.28 -4.19 13.46
N GLY A 1 21.82 6.36 -8.20
CA GLY A 1 22.26 5.08 -7.69
C GLY A 1 22.12 3.97 -8.72
N SER A 2 20.90 3.46 -8.87
CA SER A 2 20.63 2.39 -9.82
C SER A 2 19.69 2.86 -10.93
N SER A 3 19.74 2.18 -12.07
CA SER A 3 18.89 2.53 -13.19
C SER A 3 17.90 1.41 -13.51
N GLY A 4 16.99 1.68 -14.44
CA GLY A 4 16.00 0.69 -14.81
C GLY A 4 14.72 1.31 -15.33
N SER A 5 13.60 0.97 -14.70
CA SER A 5 12.30 1.49 -15.11
C SER A 5 11.31 1.45 -13.96
N SER A 6 10.53 2.51 -13.83
CA SER A 6 9.53 2.60 -12.76
C SER A 6 8.12 2.70 -13.33
N GLY A 7 7.13 2.69 -12.45
CA GLY A 7 5.75 2.79 -12.89
C GLY A 7 5.08 1.44 -12.99
N ASN A 8 4.01 1.25 -12.22
CA ASN A 8 3.28 -0.01 -12.22
C ASN A 8 1.85 0.18 -11.72
N ASN A 9 0.89 -0.14 -12.58
CA ASN A 9 -0.52 0.00 -12.22
C ASN A 9 -1.10 -1.33 -11.74
N SER A 10 -0.89 -1.63 -10.46
CA SER A 10 -1.38 -2.87 -9.88
C SER A 10 -2.16 -2.59 -8.60
N LEU A 11 -3.04 -3.52 -8.24
CA LEU A 11 -3.84 -3.38 -7.03
C LEU A 11 -3.00 -2.86 -5.86
N VAL A 12 -3.37 -1.69 -5.36
CA VAL A 12 -2.65 -1.08 -4.24
C VAL A 12 -2.46 -2.08 -3.12
N PRO A 13 -1.19 -2.28 -2.72
CA PRO A 13 -0.84 -3.21 -1.64
C PRO A 13 -1.29 -2.70 -0.27
N LYS A 14 -2.16 -3.47 0.38
CA LYS A 14 -2.66 -3.09 1.69
C LYS A 14 -2.23 -4.11 2.75
N TYR A 15 -2.45 -3.77 4.01
CA TYR A 15 -2.08 -4.66 5.12
C TYR A 15 -3.09 -4.56 6.26
N HIS A 16 -2.93 -5.41 7.26
CA HIS A 16 -3.82 -5.42 8.41
C HIS A 16 -3.07 -5.05 9.69
N PRO A 17 -3.24 -3.80 10.13
CA PRO A 17 -2.58 -3.30 11.35
C PRO A 17 -3.14 -3.93 12.62
N ASN A 18 -4.06 -4.88 12.44
CA ASN A 18 -4.67 -5.56 13.58
C ASN A 18 -4.90 -7.04 13.26
N PHE A 19 -5.30 -7.81 14.27
CA PHE A 19 -5.55 -9.23 14.09
C PHE A 19 -7.01 -9.49 13.74
N TRP A 20 -7.33 -10.74 13.43
CA TRP A 20 -8.69 -11.11 13.07
C TRP A 20 -9.31 -11.99 14.15
N MET A 21 -10.49 -11.58 14.63
CA MET A 21 -11.20 -12.33 15.65
C MET A 21 -12.71 -12.25 15.46
N ASP A 22 -13.41 -13.29 15.87
CA ASP A 22 -14.87 -13.33 15.74
C ASP A 22 -15.28 -13.45 14.28
N GLY A 23 -14.69 -14.43 13.58
CA GLY A 23 -15.01 -14.63 12.18
C GLY A 23 -14.96 -13.36 11.39
N LYS A 24 -14.00 -12.49 11.71
CA LYS A 24 -13.84 -11.22 11.02
C LYS A 24 -12.58 -10.51 11.47
N TRP A 25 -12.30 -9.36 10.86
CA TRP A 25 -11.12 -8.57 11.21
C TRP A 25 -11.45 -7.51 12.24
N ARG A 26 -10.43 -6.89 12.80
CA ARG A 26 -10.61 -5.86 13.82
C ARG A 26 -10.33 -4.48 13.24
N CYS A 27 -9.32 -4.39 12.38
CA CYS A 27 -8.96 -3.13 11.75
C CYS A 27 -9.99 -2.72 10.70
N CYS A 28 -10.30 -3.64 9.79
CA CYS A 28 -11.27 -3.39 8.74
C CYS A 28 -12.59 -4.12 9.01
N SER A 29 -12.49 -5.28 9.65
CA SER A 29 -13.66 -6.08 9.96
C SER A 29 -14.41 -6.47 8.69
N GLN A 30 -13.67 -6.95 7.70
CA GLN A 30 -14.27 -7.35 6.43
C GLN A 30 -14.89 -8.74 6.54
N LEU A 31 -16.13 -8.86 6.07
CA LEU A 31 -16.85 -10.14 6.12
C LEU A 31 -16.44 -11.03 4.95
N GLU A 32 -15.13 -11.20 4.76
CA GLU A 32 -14.62 -12.03 3.68
C GLU A 32 -13.69 -13.11 4.22
N LYS A 33 -13.37 -14.08 3.38
CA LYS A 33 -12.49 -15.18 3.77
C LYS A 33 -11.04 -14.71 3.81
N LEU A 34 -10.50 -14.34 2.66
CA LEU A 34 -9.13 -13.86 2.57
C LEU A 34 -9.07 -12.36 2.35
N ALA A 35 -9.92 -11.64 3.08
CA ALA A 35 -9.96 -10.18 2.97
C ALA A 35 -8.56 -9.60 2.84
N THR A 36 -8.30 -8.91 1.74
CA THR A 36 -7.01 -8.31 1.50
C THR A 36 -6.76 -7.14 2.46
N GLY A 37 -5.49 -6.87 2.73
CA GLY A 37 -5.14 -5.77 3.63
C GLY A 37 -6.05 -4.57 3.45
N CYS A 38 -6.25 -3.83 4.53
CA CYS A 38 -7.11 -2.65 4.49
C CYS A 38 -6.27 -1.37 4.55
N ALA A 39 -5.21 -1.40 5.36
CA ALA A 39 -4.33 -0.24 5.51
C ALA A 39 -3.41 -0.11 4.30
N GLN A 40 -3.22 1.12 3.84
CA GLN A 40 -2.36 1.39 2.69
C GLN A 40 -0.90 1.49 3.11
N TYR A 41 -0.03 0.87 2.33
CA TYR A 41 1.40 0.89 2.62
C TYR A 41 1.88 2.30 2.95
N ASP A 42 3.02 2.39 3.63
CA ASP A 42 3.58 3.68 4.00
C ASP A 42 4.86 3.96 3.22
N PRO A 43 4.70 4.61 2.06
CA PRO A 43 5.83 4.95 1.19
C PRO A 43 6.72 6.04 1.78
N THR A 44 6.10 7.13 2.23
CA THR A 44 6.83 8.24 2.84
C THR A 44 7.59 7.79 4.09
N LYS A 45 7.03 6.81 4.78
CA LYS A 45 7.65 6.28 5.99
C LYS A 45 8.26 4.90 5.75
N ASN A 46 8.95 4.76 4.61
CA ASN A 46 9.57 3.49 4.26
C ASN A 46 10.92 3.33 4.97
N ALA A 47 11.54 2.17 4.79
CA ALA A 47 12.83 1.89 5.41
C ALA A 47 13.94 1.84 4.37
N SER A 48 15.17 2.12 4.80
CA SER A 48 16.31 2.10 3.90
C SER A 48 16.45 0.76 3.20
N LYS A 49 15.92 0.69 1.97
CA LYS A 49 15.98 -0.54 1.18
C LYS A 49 17.31 -0.65 0.45
N LYS A 50 17.73 0.44 -0.18
CA LYS A 50 18.99 0.47 -0.91
C LYS A 50 19.92 1.55 -0.37
N PRO A 51 21.19 1.19 -0.15
CA PRO A 51 22.19 2.12 0.35
C PRO A 51 22.57 3.18 -0.67
N LEU A 52 23.52 4.04 -0.30
CA LEU A 52 23.97 5.11 -1.19
C LEU A 52 25.26 4.70 -1.90
N PRO A 53 25.54 5.36 -3.04
CA PRO A 53 26.74 5.10 -3.84
C PRO A 53 28.01 5.55 -3.14
N PRO A 54 29.16 5.08 -3.65
CA PRO A 54 30.48 5.42 -3.09
C PRO A 54 30.85 6.89 -3.33
N THR A 55 31.98 7.31 -2.77
CA THR A 55 32.44 8.68 -2.92
C THR A 55 32.59 9.06 -4.40
N PRO A 56 32.39 10.34 -4.70
CA PRO A 56 32.49 10.86 -6.06
C PRO A 56 33.92 10.86 -6.58
N GLU A 57 34.34 9.73 -7.14
CA GLU A 57 35.70 9.60 -7.67
C GLU A 57 35.73 9.92 -9.16
N ASP A 58 36.55 10.88 -9.54
CA ASP A 58 36.67 11.29 -10.93
C ASP A 58 36.67 10.07 -11.85
N ASN A 59 35.52 9.81 -12.47
CA ASN A 59 35.37 8.67 -13.38
C ASN A 59 34.52 9.03 -14.59
N ARG A 60 34.97 8.65 -15.77
CA ARG A 60 34.25 8.93 -17.00
C ARG A 60 33.43 7.73 -17.44
N ARG A 61 34.06 6.55 -17.45
CA ARG A 61 33.40 5.33 -17.86
C ARG A 61 32.87 5.44 -19.29
N PRO A 62 33.77 5.80 -20.22
CA PRO A 62 33.41 5.95 -21.63
C PRO A 62 33.11 4.61 -22.30
N LEU A 63 32.38 4.66 -23.42
CA LEU A 63 32.02 3.45 -24.15
C LEU A 63 32.45 3.55 -25.61
N TRP A 64 33.74 3.30 -25.86
CA TRP A 64 34.27 3.37 -27.21
C TRP A 64 33.55 2.40 -28.14
N GLY A 1 9.14 11.24 -6.44
CA GLY A 1 9.61 10.60 -7.65
C GLY A 1 9.79 9.11 -7.48
N SER A 2 10.91 8.71 -6.89
CA SER A 2 11.20 7.29 -6.69
C SER A 2 12.33 7.12 -5.67
N SER A 3 12.01 6.52 -4.53
CA SER A 3 12.98 6.30 -3.47
C SER A 3 13.43 4.84 -3.45
N GLY A 4 12.47 3.92 -3.54
CA GLY A 4 12.79 2.50 -3.53
C GLY A 4 11.57 1.64 -3.76
N SER A 5 11.65 0.38 -3.36
CA SER A 5 10.55 -0.56 -3.53
C SER A 5 10.23 -0.76 -5.01
N SER A 6 11.28 -0.90 -5.81
CA SER A 6 11.11 -1.09 -7.25
C SER A 6 9.98 -2.08 -7.54
N GLY A 7 9.45 -2.02 -8.75
CA GLY A 7 8.37 -2.91 -9.13
C GLY A 7 7.10 -2.66 -8.35
N ASN A 8 6.02 -2.35 -9.05
CA ASN A 8 4.74 -2.09 -8.41
C ASN A 8 3.62 -2.89 -9.07
N ASN A 9 2.82 -3.57 -8.25
CA ASN A 9 1.72 -4.38 -8.75
C ASN A 9 0.52 -3.50 -9.10
N SER A 10 -0.40 -4.06 -9.90
CA SER A 10 -1.59 -3.33 -10.31
C SER A 10 -2.37 -2.83 -9.10
N LEU A 11 -2.61 -3.71 -8.15
CA LEU A 11 -3.35 -3.36 -6.94
C LEU A 11 -2.39 -2.87 -5.85
N VAL A 12 -2.81 -1.83 -5.14
CA VAL A 12 -2.01 -1.26 -4.06
C VAL A 12 -1.85 -2.24 -2.91
N PRO A 13 -0.61 -2.42 -2.44
CA PRO A 13 -0.29 -3.33 -1.34
C PRO A 13 -0.83 -2.83 0.00
N LYS A 14 -1.79 -3.57 0.54
CA LYS A 14 -2.39 -3.20 1.83
C LYS A 14 -1.92 -4.13 2.94
N TYR A 15 -2.33 -3.84 4.16
CA TYR A 15 -1.96 -4.65 5.31
C TYR A 15 -3.01 -4.57 6.41
N HIS A 16 -2.88 -5.44 7.41
CA HIS A 16 -3.82 -5.45 8.53
C HIS A 16 -3.14 -5.02 9.83
N PRO A 17 -3.34 -3.76 10.21
CA PRO A 17 -2.74 -3.20 11.43
C PRO A 17 -3.36 -3.78 12.70
N ASN A 18 -4.33 -4.67 12.52
CA ASN A 18 -5.01 -5.30 13.65
C ASN A 18 -5.03 -6.83 13.48
N PHE A 19 -5.71 -7.49 14.40
CA PHE A 19 -5.81 -8.95 14.36
C PHE A 19 -7.08 -9.38 13.65
N TRP A 20 -7.20 -10.69 13.39
CA TRP A 20 -8.36 -11.22 12.70
C TRP A 20 -9.02 -12.32 13.54
N MET A 21 -10.11 -11.97 14.23
CA MET A 21 -10.82 -12.93 15.06
C MET A 21 -11.74 -13.80 14.21
N ASP A 22 -11.87 -15.07 14.59
CA ASP A 22 -12.73 -16.00 13.87
C ASP A 22 -13.96 -15.29 13.31
N GLY A 23 -14.44 -14.29 14.05
CA GLY A 23 -15.60 -13.54 13.61
C GLY A 23 -15.31 -12.63 12.45
N LYS A 24 -14.36 -11.71 12.63
CA LYS A 24 -13.98 -10.79 11.58
C LYS A 24 -12.77 -9.94 12.01
N TRP A 25 -12.31 -9.09 11.11
CA TRP A 25 -11.17 -8.22 11.40
C TRP A 25 -11.55 -7.11 12.35
N ARG A 26 -10.56 -6.54 13.02
CA ARG A 26 -10.79 -5.46 13.97
C ARG A 26 -10.45 -4.10 13.35
N CYS A 27 -9.60 -4.12 12.33
CA CYS A 27 -9.20 -2.90 11.65
C CYS A 27 -10.16 -2.57 10.50
N CYS A 28 -10.47 -3.57 9.70
CA CYS A 28 -11.37 -3.39 8.57
C CYS A 28 -12.70 -4.11 8.81
N SER A 29 -12.66 -5.16 9.62
CA SER A 29 -13.85 -5.94 9.93
C SER A 29 -14.59 -6.32 8.66
N GLN A 30 -13.85 -6.79 7.66
CA GLN A 30 -14.43 -7.19 6.39
C GLN A 30 -15.24 -8.48 6.55
N LEU A 31 -15.97 -8.85 5.49
CA LEU A 31 -16.78 -10.05 5.52
C LEU A 31 -15.96 -11.28 5.12
N GLU A 32 -15.14 -11.11 4.08
CA GLU A 32 -14.29 -12.20 3.59
C GLU A 32 -13.38 -12.71 4.71
N LYS A 33 -13.09 -14.01 4.68
CA LYS A 33 -12.23 -14.63 5.67
C LYS A 33 -10.77 -14.26 5.45
N LEU A 34 -10.28 -14.52 4.25
CA LEU A 34 -8.90 -14.21 3.90
C LEU A 34 -8.81 -12.89 3.15
N ALA A 35 -9.68 -11.95 3.52
CA ALA A 35 -9.70 -10.63 2.89
C ALA A 35 -8.29 -10.04 2.80
N THR A 36 -8.05 -9.26 1.75
CA THR A 36 -6.75 -8.63 1.55
C THR A 36 -6.56 -7.44 2.47
N GLY A 37 -5.30 -7.14 2.80
CA GLY A 37 -5.02 -6.02 3.68
C GLY A 37 -5.94 -4.84 3.43
N CYS A 38 -6.19 -4.06 4.49
CA CYS A 38 -7.07 -2.90 4.38
C CYS A 38 -6.26 -1.61 4.46
N ALA A 39 -5.29 -1.58 5.37
CA ALA A 39 -4.45 -0.39 5.54
C ALA A 39 -3.44 -0.27 4.40
N GLN A 40 -3.46 0.87 3.72
CA GLN A 40 -2.55 1.11 2.60
C GLN A 40 -1.15 1.43 3.11
N TYR A 41 -0.15 1.01 2.36
CA TYR A 41 1.24 1.25 2.74
C TYR A 41 1.60 2.73 2.59
N ASP A 42 2.66 3.14 3.26
CA ASP A 42 3.11 4.52 3.21
C ASP A 42 4.33 4.67 2.31
N PRO A 43 4.09 5.04 1.04
CA PRO A 43 5.15 5.21 0.05
C PRO A 43 6.02 6.44 0.34
N THR A 44 5.41 7.48 0.91
CA THR A 44 6.13 8.70 1.24
C THR A 44 5.37 9.51 2.29
N LYS A 45 6.09 9.96 3.32
CA LYS A 45 5.48 10.75 4.37
C LYS A 45 6.07 12.16 4.40
N ASN A 46 7.39 12.26 4.31
CA ASN A 46 8.07 13.55 4.33
C ASN A 46 8.06 14.18 2.93
N ALA A 47 7.79 15.47 2.88
CA ALA A 47 7.75 16.20 1.62
C ALA A 47 8.94 15.82 0.74
N SER A 48 8.66 15.18 -0.40
CA SER A 48 9.71 14.77 -1.32
C SER A 48 9.18 14.75 -2.75
N LYS A 49 9.60 15.72 -3.55
CA LYS A 49 9.19 15.81 -4.94
C LYS A 49 10.38 16.02 -5.86
N LYS A 50 10.41 15.29 -6.98
CA LYS A 50 11.50 15.41 -7.94
C LYS A 50 10.95 15.49 -9.36
N PRO A 51 11.69 16.20 -10.23
CA PRO A 51 11.30 16.38 -11.63
C PRO A 51 11.41 15.09 -12.44
N LEU A 52 10.39 14.79 -13.23
CA LEU A 52 10.38 13.58 -14.04
C LEU A 52 9.49 13.77 -15.28
N PRO A 53 9.90 13.18 -16.40
CA PRO A 53 9.15 13.26 -17.66
C PRO A 53 7.86 12.47 -17.61
N PRO A 54 6.78 13.07 -18.13
CA PRO A 54 5.46 12.44 -18.17
C PRO A 54 5.39 11.27 -19.14
N THR A 55 4.67 10.22 -18.75
CA THR A 55 4.53 9.03 -19.59
C THR A 55 3.06 8.61 -19.69
N PRO A 56 2.68 8.11 -20.88
CA PRO A 56 1.30 7.65 -21.13
C PRO A 56 0.97 6.37 -20.39
N GLU A 57 -0.25 5.90 -20.53
CA GLU A 57 -0.70 4.68 -19.88
C GLU A 57 -1.02 3.59 -20.89
N ASP A 58 -2.10 3.80 -21.65
CA ASP A 58 -2.51 2.84 -22.65
C ASP A 58 -3.62 3.41 -23.54
N ASN A 59 -4.00 2.67 -24.57
CA ASN A 59 -5.03 3.12 -25.49
C ASN A 59 -5.45 1.99 -26.44
N ARG A 60 -6.68 1.52 -26.28
CA ARG A 60 -7.20 0.44 -27.11
C ARG A 60 -8.67 0.20 -26.83
N ARG A 61 -9.37 -0.35 -27.82
CA ARG A 61 -10.81 -0.64 -27.68
C ARG A 61 -11.27 -1.63 -28.75
N PRO A 62 -11.82 -2.76 -28.30
CA PRO A 62 -12.32 -3.81 -29.19
C PRO A 62 -13.57 -3.37 -29.95
N LEU A 63 -13.93 -4.13 -30.98
CA LEU A 63 -15.10 -3.84 -31.79
C LEU A 63 -16.32 -4.61 -31.30
N TRP A 64 -16.21 -5.94 -31.29
CA TRP A 64 -17.30 -6.79 -30.84
C TRP A 64 -16.83 -7.72 -29.73
N GLY A 1 11.21 -16.45 -9.92
CA GLY A 1 11.29 -15.02 -9.65
C GLY A 1 11.72 -14.22 -10.87
N SER A 2 10.78 -14.01 -11.78
CA SER A 2 11.06 -13.26 -13.01
C SER A 2 10.43 -11.87 -12.96
N SER A 3 10.76 -11.05 -13.95
CA SER A 3 10.23 -9.69 -14.01
C SER A 3 9.61 -9.40 -15.38
N GLY A 4 8.53 -8.63 -15.39
CA GLY A 4 7.86 -8.30 -16.63
C GLY A 4 6.64 -7.44 -16.42
N SER A 5 6.22 -6.74 -17.48
CA SER A 5 5.06 -5.86 -17.40
C SER A 5 3.77 -6.68 -17.45
N SER A 6 3.04 -6.68 -16.34
CA SER A 6 1.79 -7.43 -16.25
C SER A 6 0.62 -6.48 -15.96
N GLY A 7 -0.32 -6.40 -16.91
CA GLY A 7 -1.47 -5.53 -16.74
C GLY A 7 -1.08 -4.08 -16.60
N ASN A 8 -2.08 -3.21 -16.47
CA ASN A 8 -1.84 -1.77 -16.35
C ASN A 8 -1.49 -1.42 -14.90
N ASN A 9 -2.41 -1.71 -13.99
CA ASN A 9 -2.20 -1.40 -12.58
C ASN A 9 -2.58 -2.59 -11.71
N SER A 10 -2.12 -2.58 -10.46
CA SER A 10 -2.42 -3.66 -9.53
C SER A 10 -2.89 -3.10 -8.19
N LEU A 11 -4.06 -3.57 -7.74
CA LEU A 11 -4.62 -3.13 -6.48
C LEU A 11 -3.53 -2.91 -5.44
N VAL A 12 -3.26 -1.64 -5.13
CA VAL A 12 -2.24 -1.28 -4.15
C VAL A 12 -2.20 -2.29 -3.01
N PRO A 13 -0.98 -2.67 -2.60
CA PRO A 13 -0.78 -3.63 -1.52
C PRO A 13 -1.17 -3.05 -0.15
N LYS A 14 -2.14 -3.69 0.49
CA LYS A 14 -2.60 -3.24 1.81
C LYS A 14 -2.20 -4.23 2.89
N TYR A 15 -2.45 -3.86 4.14
CA TYR A 15 -2.12 -4.73 5.27
C TYR A 15 -3.12 -4.52 6.41
N HIS A 16 -3.08 -5.44 7.39
CA HIS A 16 -3.98 -5.37 8.53
C HIS A 16 -3.20 -5.04 9.81
N PRO A 17 -3.33 -3.79 10.27
CA PRO A 17 -2.66 -3.32 11.48
C PRO A 17 -3.22 -3.96 12.75
N ASN A 18 -4.17 -4.87 12.57
CA ASN A 18 -4.79 -5.55 13.70
C ASN A 18 -4.91 -7.05 13.44
N PHE A 19 -5.42 -7.78 14.41
CA PHE A 19 -5.58 -9.22 14.30
C PHE A 19 -7.00 -9.57 13.86
N TRP A 20 -7.24 -10.85 13.57
CA TRP A 20 -8.55 -11.31 13.15
C TRP A 20 -9.26 -12.03 14.29
N MET A 21 -10.54 -11.73 14.48
CA MET A 21 -11.34 -12.36 15.53
C MET A 21 -12.82 -12.29 15.20
N ASP A 22 -13.59 -13.20 15.79
CA ASP A 22 -15.03 -13.23 15.56
C ASP A 22 -15.34 -13.47 14.08
N GLY A 23 -14.52 -14.28 13.44
CA GLY A 23 -14.72 -14.58 12.03
C GLY A 23 -14.61 -13.34 11.15
N LYS A 24 -13.70 -12.45 11.52
CA LYS A 24 -13.50 -11.22 10.76
C LYS A 24 -12.26 -10.47 11.25
N TRP A 25 -12.04 -9.28 10.70
CA TRP A 25 -10.89 -8.47 11.09
C TRP A 25 -11.28 -7.43 12.14
N ARG A 26 -10.28 -6.86 12.79
CA ARG A 26 -10.52 -5.85 13.82
C ARG A 26 -10.23 -4.45 13.29
N CYS A 27 -9.27 -4.36 12.37
CA CYS A 27 -8.89 -3.08 11.78
C CYS A 27 -9.92 -2.62 10.77
N CYS A 28 -10.34 -3.53 9.90
CA CYS A 28 -11.33 -3.23 8.87
C CYS A 28 -12.66 -3.92 9.18
N SER A 29 -12.59 -5.18 9.59
CA SER A 29 -13.79 -5.94 9.91
C SER A 29 -14.54 -6.34 8.64
N GLN A 30 -13.79 -6.84 7.65
CA GLN A 30 -14.38 -7.26 6.39
C GLN A 30 -14.99 -8.65 6.50
N LEU A 31 -16.13 -8.84 5.87
CA LEU A 31 -16.82 -10.14 5.91
C LEU A 31 -15.93 -11.23 5.33
N GLU A 32 -15.24 -10.92 4.24
CA GLU A 32 -14.34 -11.87 3.60
C GLU A 32 -13.40 -12.51 4.60
N LYS A 33 -13.41 -13.84 4.67
CA LYS A 33 -12.55 -14.57 5.59
C LYS A 33 -11.11 -14.08 5.50
N LEU A 34 -10.52 -14.22 4.31
CA LEU A 34 -9.15 -13.80 4.09
C LEU A 34 -9.10 -12.45 3.37
N ALA A 35 -9.98 -11.54 3.78
CA ALA A 35 -10.03 -10.21 3.17
C ALA A 35 -8.64 -9.61 3.03
N THR A 36 -8.42 -8.90 1.92
CA THR A 36 -7.13 -8.29 1.67
C THR A 36 -6.89 -7.09 2.59
N GLY A 37 -5.62 -6.80 2.87
CA GLY A 37 -5.30 -5.68 3.74
C GLY A 37 -6.19 -4.49 3.51
N CYS A 38 -6.41 -3.71 4.56
CA CYS A 38 -7.26 -2.53 4.48
C CYS A 38 -6.42 -1.25 4.54
N ALA A 39 -5.37 -1.27 5.35
CA ALA A 39 -4.49 -0.12 5.49
C ALA A 39 -3.43 -0.10 4.40
N GLN A 40 -3.41 0.97 3.61
CA GLN A 40 -2.46 1.12 2.53
C GLN A 40 -1.03 1.02 3.05
N TYR A 41 -0.19 0.27 2.34
CA TYR A 41 1.21 0.09 2.74
C TYR A 41 1.86 1.44 3.00
N ASP A 42 3.11 1.40 3.48
CA ASP A 42 3.86 2.61 3.78
C ASP A 42 5.26 2.54 3.17
N PRO A 43 5.59 3.55 2.35
CA PRO A 43 6.91 3.62 1.69
C PRO A 43 8.03 3.93 2.67
N THR A 44 7.84 4.98 3.48
CA THR A 44 8.84 5.37 4.46
C THR A 44 9.05 4.28 5.50
N LYS A 45 7.95 3.77 6.05
CA LYS A 45 8.01 2.72 7.05
C LYS A 45 9.07 1.68 6.70
N ASN A 46 10.19 1.72 7.41
CA ASN A 46 11.29 0.78 7.17
C ASN A 46 10.76 -0.65 7.11
N ALA A 47 10.87 -1.26 5.93
CA ALA A 47 10.42 -2.63 5.74
C ALA A 47 10.82 -3.15 4.36
N SER A 48 11.26 -4.41 4.32
CA SER A 48 11.68 -5.02 3.06
C SER A 48 10.47 -5.43 2.23
N LYS A 49 10.27 -4.73 1.12
CA LYS A 49 9.15 -5.01 0.23
C LYS A 49 9.29 -6.40 -0.39
N LYS A 50 8.54 -7.36 0.16
CA LYS A 50 8.58 -8.73 -0.33
C LYS A 50 8.49 -8.77 -1.85
N PRO A 51 9.02 -9.84 -2.45
CA PRO A 51 9.01 -10.01 -3.90
C PRO A 51 7.61 -10.30 -4.45
N LEU A 52 7.51 -10.47 -5.76
CA LEU A 52 6.23 -10.75 -6.40
C LEU A 52 6.09 -12.22 -6.73
N PRO A 53 4.84 -12.69 -6.84
CA PRO A 53 4.54 -14.10 -7.15
C PRO A 53 4.90 -14.46 -8.59
N PRO A 54 5.40 -15.68 -8.78
CA PRO A 54 5.79 -16.19 -10.09
C PRO A 54 4.60 -16.43 -11.01
N THR A 55 4.87 -16.82 -12.25
CA THR A 55 3.82 -17.08 -13.22
C THR A 55 3.81 -18.54 -13.65
N PRO A 56 2.64 -19.04 -14.06
CA PRO A 56 2.47 -20.43 -14.51
C PRO A 56 3.16 -20.68 -15.86
N GLU A 57 3.83 -19.66 -16.37
CA GLU A 57 4.53 -19.78 -17.65
C GLU A 57 6.04 -19.76 -17.45
N ASP A 58 6.63 -20.94 -17.34
CA ASP A 58 8.07 -21.07 -17.14
C ASP A 58 8.79 -21.21 -18.48
N ASN A 59 8.41 -22.24 -19.24
CA ASN A 59 9.02 -22.48 -20.54
C ASN A 59 7.95 -22.76 -21.60
N ARG A 60 8.39 -22.94 -22.84
CA ARG A 60 7.47 -23.21 -23.94
C ARG A 60 6.31 -24.09 -23.47
N ARG A 61 5.09 -23.61 -23.70
CA ARG A 61 3.90 -24.35 -23.31
C ARG A 61 2.82 -24.27 -24.39
N PRO A 62 1.97 -25.29 -24.46
CA PRO A 62 0.88 -25.37 -25.43
C PRO A 62 -0.21 -24.34 -25.17
N LEU A 63 -1.30 -24.43 -25.92
CA LEU A 63 -2.42 -23.51 -25.77
C LEU A 63 -3.23 -23.84 -24.52
N TRP A 64 -2.57 -23.76 -23.37
CA TRP A 64 -3.23 -24.06 -22.09
C TRP A 64 -4.12 -25.29 -22.20
N GLY A 1 15.65 -15.71 -24.20
CA GLY A 1 16.05 -16.17 -22.90
C GLY A 1 14.86 -16.60 -22.04
N SER A 2 14.99 -17.74 -21.39
CA SER A 2 13.92 -18.26 -20.54
C SER A 2 14.22 -18.02 -19.06
N SER A 3 13.20 -17.66 -18.29
CA SER A 3 13.37 -17.40 -16.87
C SER A 3 12.05 -17.60 -16.13
N GLY A 4 12.14 -17.97 -14.86
CA GLY A 4 10.95 -18.18 -14.06
C GLY A 4 9.98 -17.02 -14.14
N SER A 5 8.82 -17.26 -14.76
CA SER A 5 7.80 -16.24 -14.91
C SER A 5 7.16 -15.90 -13.56
N SER A 6 7.35 -14.66 -13.13
CA SER A 6 6.79 -14.21 -11.85
C SER A 6 5.57 -13.32 -12.07
N GLY A 7 4.39 -13.82 -11.73
CA GLY A 7 3.18 -13.06 -11.91
C GLY A 7 3.29 -11.66 -11.32
N ASN A 8 2.71 -10.69 -12.02
CA ASN A 8 2.75 -9.30 -11.57
C ASN A 8 1.33 -8.77 -11.31
N ASN A 9 0.93 -8.78 -10.04
CA ASN A 9 -0.40 -8.30 -9.67
C ASN A 9 -0.42 -6.78 -9.58
N SER A 10 -1.37 -6.16 -10.27
CA SER A 10 -1.51 -4.71 -10.27
C SER A 10 -2.49 -4.25 -9.20
N LEU A 11 -1.98 -3.98 -8.01
CA LEU A 11 -2.80 -3.53 -6.90
C LEU A 11 -1.94 -3.02 -5.74
N VAL A 12 -2.46 -2.03 -5.01
CA VAL A 12 -1.74 -1.45 -3.89
C VAL A 12 -1.60 -2.46 -2.75
N PRO A 13 -0.38 -2.58 -2.22
CA PRO A 13 -0.08 -3.51 -1.13
C PRO A 13 -0.70 -3.07 0.19
N LYS A 14 -1.79 -3.73 0.59
CA LYS A 14 -2.47 -3.40 1.84
C LYS A 14 -2.04 -4.34 2.96
N TYR A 15 -2.57 -4.11 4.15
CA TYR A 15 -2.23 -4.92 5.31
C TYR A 15 -3.25 -4.71 6.43
N HIS A 16 -3.16 -5.54 7.47
CA HIS A 16 -4.07 -5.45 8.60
C HIS A 16 -3.30 -5.06 9.87
N PRO A 17 -3.41 -3.78 10.25
CA PRO A 17 -2.75 -3.25 11.45
C PRO A 17 -3.35 -3.79 12.74
N ASN A 18 -4.33 -4.68 12.60
CA ASN A 18 -4.99 -5.27 13.75
C ASN A 18 -5.01 -6.80 13.65
N PHE A 19 -5.59 -7.44 14.65
CA PHE A 19 -5.68 -8.90 14.67
C PHE A 19 -7.03 -9.37 14.16
N TRP A 20 -7.02 -10.47 13.40
CA TRP A 20 -8.24 -11.03 12.84
C TRP A 20 -8.86 -12.04 13.80
N MET A 21 -10.07 -11.76 14.26
CA MET A 21 -10.77 -12.65 15.18
C MET A 21 -11.69 -13.60 14.41
N ASP A 22 -11.68 -14.86 14.81
CA ASP A 22 -12.52 -15.87 14.16
C ASP A 22 -13.91 -15.31 13.84
N GLY A 23 -14.05 -14.76 12.64
CA GLY A 23 -15.32 -14.19 12.24
C GLY A 23 -15.15 -12.93 11.40
N LYS A 24 -14.17 -12.12 11.75
CA LYS A 24 -13.91 -10.88 11.04
C LYS A 24 -12.65 -10.19 11.57
N TRP A 25 -12.27 -9.09 10.92
CA TRP A 25 -11.09 -8.34 11.34
C TRP A 25 -11.45 -7.26 12.34
N ARG A 26 -10.45 -6.52 12.81
CA ARG A 26 -10.68 -5.45 13.77
C ARG A 26 -10.43 -4.09 13.14
N CYS A 27 -9.39 -4.00 12.31
CA CYS A 27 -9.05 -2.75 11.65
C CYS A 27 -10.08 -2.42 10.56
N CYS A 28 -10.48 -3.45 9.80
CA CYS A 28 -11.44 -3.26 8.72
C CYS A 28 -12.73 -4.03 9.03
N SER A 29 -12.61 -5.13 9.76
CA SER A 29 -13.76 -5.94 10.12
C SER A 29 -14.51 -6.38 8.87
N GLN A 30 -13.77 -6.72 7.82
CA GLN A 30 -14.37 -7.16 6.57
C GLN A 30 -15.13 -8.48 6.76
N LEU A 31 -16.12 -8.71 5.91
CA LEU A 31 -16.92 -9.93 5.98
C LEU A 31 -16.30 -11.04 5.14
N GLU A 32 -14.99 -11.21 5.28
CA GLU A 32 -14.28 -12.25 4.53
C GLU A 32 -13.11 -12.79 5.34
N LYS A 33 -13.12 -14.10 5.57
CA LYS A 33 -12.05 -14.76 6.33
C LYS A 33 -10.68 -14.42 5.75
N LEU A 34 -10.49 -14.74 4.47
CA LEU A 34 -9.22 -14.47 3.81
C LEU A 34 -9.20 -13.06 3.24
N ALA A 35 -9.96 -12.16 3.86
CA ALA A 35 -10.02 -10.77 3.43
C ALA A 35 -8.63 -10.23 3.12
N THR A 36 -8.57 -9.24 2.23
CA THR A 36 -7.29 -8.64 1.85
C THR A 36 -7.00 -7.40 2.69
N GLY A 37 -5.72 -7.20 3.01
CA GLY A 37 -5.34 -6.05 3.80
C GLY A 37 -6.19 -4.83 3.51
N CYS A 38 -6.46 -4.04 4.56
CA CYS A 38 -7.28 -2.84 4.40
C CYS A 38 -6.41 -1.59 4.42
N ALA A 39 -5.48 -1.53 5.37
CA ALA A 39 -4.58 -0.39 5.49
C ALA A 39 -3.65 -0.29 4.28
N GLN A 40 -3.18 0.92 3.99
CA GLN A 40 -2.29 1.13 2.86
C GLN A 40 -0.89 1.49 3.34
N TYR A 41 0.10 0.73 2.89
CA TYR A 41 1.48 0.96 3.27
C TYR A 41 1.84 2.45 3.17
N ASP A 42 2.90 2.84 3.87
CA ASP A 42 3.34 4.23 3.87
C ASP A 42 4.72 4.34 3.23
N PRO A 43 4.76 4.41 1.89
CA PRO A 43 6.01 4.52 1.14
C PRO A 43 6.67 5.89 1.30
N THR A 44 5.89 6.94 1.09
CA THR A 44 6.39 8.30 1.22
C THR A 44 6.70 8.64 2.68
N LYS A 45 5.79 8.26 3.57
CA LYS A 45 5.96 8.52 4.99
C LYS A 45 6.29 9.98 5.25
N ASN A 46 5.55 10.87 4.59
CA ASN A 46 5.78 12.31 4.74
C ASN A 46 4.50 13.08 4.41
N ALA A 47 4.31 14.21 5.10
CA ALA A 47 3.14 15.04 4.87
C ALA A 47 3.25 15.79 3.55
N SER A 48 2.11 16.24 3.02
CA SER A 48 2.08 16.96 1.76
C SER A 48 3.20 17.99 1.70
N LYS A 49 4.20 17.71 0.86
CA LYS A 49 5.34 18.61 0.70
C LYS A 49 5.35 19.23 -0.69
N LYS A 50 5.64 20.53 -0.75
CA LYS A 50 5.69 21.24 -2.02
C LYS A 50 6.90 20.81 -2.85
N PRO A 51 6.71 20.75 -4.18
CA PRO A 51 7.78 20.34 -5.10
C PRO A 51 8.89 21.38 -5.20
N LEU A 52 10.13 20.93 -5.15
CA LEU A 52 11.28 21.82 -5.23
C LEU A 52 12.22 21.42 -6.36
N PRO A 53 12.96 22.39 -6.90
CA PRO A 53 13.92 22.15 -7.99
C PRO A 53 15.12 21.33 -7.55
N PRO A 54 15.19 20.08 -8.02
CA PRO A 54 16.29 19.17 -7.69
C PRO A 54 17.61 19.59 -8.33
N THR A 55 18.65 18.79 -8.10
CA THR A 55 19.97 19.10 -8.65
C THR A 55 20.10 18.58 -10.07
N PRO A 56 20.95 19.25 -10.87
CA PRO A 56 21.19 18.87 -12.26
C PRO A 56 21.95 17.56 -12.39
N GLU A 57 21.22 16.48 -12.69
CA GLU A 57 21.84 15.17 -12.83
C GLU A 57 23.00 15.22 -13.82
N ASP A 58 23.59 14.06 -14.10
CA ASP A 58 24.70 13.97 -15.02
C ASP A 58 24.57 12.74 -15.92
N ASN A 59 25.13 12.84 -17.13
CA ASN A 59 25.07 11.74 -18.08
C ASN A 59 26.27 11.76 -19.02
N ARG A 60 26.81 10.58 -19.31
CA ARG A 60 27.97 10.46 -20.20
C ARG A 60 28.21 9.01 -20.58
N ARG A 61 28.60 8.79 -21.83
CA ARG A 61 28.88 7.45 -22.33
C ARG A 61 30.32 7.05 -22.04
N PRO A 62 30.54 5.73 -21.85
CA PRO A 62 31.87 5.19 -21.57
C PRO A 62 32.80 5.27 -22.77
N LEU A 63 34.09 5.49 -22.50
CA LEU A 63 35.08 5.59 -23.57
C LEU A 63 36.27 4.67 -23.29
N TRP A 64 36.13 3.41 -23.68
CA TRP A 64 37.19 2.42 -23.47
C TRP A 64 38.56 3.07 -23.62
N GLY A 1 23.25 -5.43 -15.07
CA GLY A 1 22.06 -5.10 -14.33
C GLY A 1 21.03 -4.36 -15.17
N SER A 2 19.77 -4.39 -14.73
CA SER A 2 18.69 -3.73 -15.45
C SER A 2 17.48 -3.54 -14.56
N SER A 3 16.96 -2.32 -14.53
CA SER A 3 15.80 -2.00 -13.70
C SER A 3 14.51 -2.09 -14.53
N GLY A 4 14.62 -1.81 -15.82
CA GLY A 4 13.46 -1.87 -16.70
C GLY A 4 12.38 -0.90 -16.29
N SER A 5 11.27 -0.91 -17.01
CA SER A 5 10.15 -0.01 -16.72
C SER A 5 8.82 -0.65 -17.12
N SER A 6 8.05 -1.06 -16.12
CA SER A 6 6.75 -1.69 -16.36
C SER A 6 5.64 -0.65 -16.34
N GLY A 7 4.62 -0.87 -17.17
CA GLY A 7 3.50 0.05 -17.23
C GLY A 7 2.17 -0.66 -17.33
N ASN A 8 1.64 -1.09 -16.18
CA ASN A 8 0.37 -1.80 -16.13
C ASN A 8 -0.43 -1.40 -14.89
N ASN A 9 -1.75 -1.48 -15.00
CA ASN A 9 -2.63 -1.13 -13.88
C ASN A 9 -2.35 -2.01 -12.68
N SER A 10 -1.55 -1.50 -11.74
CA SER A 10 -1.21 -2.24 -10.54
C SER A 10 -2.07 -1.79 -9.36
N LEU A 11 -2.51 -2.76 -8.56
CA LEU A 11 -3.34 -2.45 -7.40
C LEU A 11 -2.49 -2.00 -6.22
N VAL A 12 -3.08 -1.19 -5.34
CA VAL A 12 -2.38 -0.68 -4.18
C VAL A 12 -2.29 -1.74 -3.07
N PRO A 13 -1.06 -2.04 -2.65
CA PRO A 13 -0.82 -3.03 -1.59
C PRO A 13 -1.28 -2.56 -0.22
N LYS A 14 -2.08 -3.38 0.45
CA LYS A 14 -2.60 -3.04 1.77
C LYS A 14 -2.08 -4.02 2.82
N TYR A 15 -2.48 -3.80 4.07
CA TYR A 15 -2.06 -4.66 5.16
C TYR A 15 -3.03 -4.58 6.34
N HIS A 16 -2.96 -5.55 7.24
CA HIS A 16 -3.83 -5.58 8.41
C HIS A 16 -3.06 -5.25 9.68
N PRO A 17 -3.15 -3.98 10.11
CA PRO A 17 -2.46 -3.51 11.32
C PRO A 17 -3.08 -4.10 12.59
N ASN A 18 -4.05 -4.98 12.43
CA ASN A 18 -4.71 -5.61 13.57
C ASN A 18 -4.88 -7.11 13.33
N PHE A 19 -5.44 -7.79 14.32
CA PHE A 19 -5.65 -9.24 14.23
C PHE A 19 -7.09 -9.54 13.81
N TRP A 20 -7.40 -10.82 13.65
CA TRP A 20 -8.73 -11.25 13.26
C TRP A 20 -9.46 -11.90 14.42
N MET A 21 -10.75 -11.61 14.54
CA MET A 21 -11.57 -12.16 15.62
C MET A 21 -12.94 -12.58 15.10
N ASP A 22 -13.40 -13.75 15.53
CA ASP A 22 -14.71 -14.26 15.11
C ASP A 22 -14.75 -14.45 13.59
N GLY A 23 -13.59 -14.72 13.00
CA GLY A 23 -13.52 -14.94 11.58
C GLY A 23 -13.42 -13.64 10.80
N LYS A 24 -13.65 -12.52 11.49
CA LYS A 24 -13.57 -11.20 10.87
C LYS A 24 -12.30 -10.47 11.29
N TRP A 25 -12.15 -9.24 10.79
CA TRP A 25 -10.97 -8.44 11.13
C TRP A 25 -11.31 -7.41 12.20
N ARG A 26 -10.28 -6.80 12.77
CA ARG A 26 -10.46 -5.79 13.80
C ARG A 26 -10.17 -4.39 13.27
N CYS A 27 -9.19 -4.31 12.37
CA CYS A 27 -8.81 -3.03 11.77
C CYS A 27 -9.81 -2.60 10.71
N CYS A 28 -10.29 -3.57 9.93
CA CYS A 28 -11.26 -3.29 8.87
C CYS A 28 -12.57 -4.01 9.13
N SER A 29 -12.48 -5.22 9.67
CA SER A 29 -13.66 -6.02 9.96
C SER A 29 -14.38 -6.42 8.68
N GLN A 30 -13.64 -6.98 7.73
CA GLN A 30 -14.21 -7.40 6.47
C GLN A 30 -14.91 -8.75 6.60
N LEU A 31 -15.57 -9.19 5.53
CA LEU A 31 -16.28 -10.46 5.53
C LEU A 31 -15.37 -11.59 5.06
N GLU A 32 -14.84 -11.45 3.85
CA GLU A 32 -13.95 -12.46 3.29
C GLU A 32 -12.99 -12.99 4.36
N LYS A 33 -12.74 -14.30 4.31
CA LYS A 33 -11.84 -14.95 5.27
C LYS A 33 -10.41 -14.46 5.08
N LEU A 34 -9.96 -14.42 3.83
CA LEU A 34 -8.61 -13.97 3.52
C LEU A 34 -8.64 -12.62 2.81
N ALA A 35 -9.57 -11.76 3.20
CA ALA A 35 -9.70 -10.44 2.61
C ALA A 35 -8.36 -9.72 2.59
N THR A 36 -8.00 -9.15 1.43
CA THR A 36 -6.75 -8.43 1.29
C THR A 36 -6.64 -7.32 2.33
N GLY A 37 -5.39 -6.96 2.66
CA GLY A 37 -5.17 -5.92 3.65
C GLY A 37 -6.08 -4.72 3.44
N CYS A 38 -6.32 -3.97 4.51
CA CYS A 38 -7.19 -2.80 4.45
C CYS A 38 -6.36 -1.52 4.46
N ALA A 39 -5.40 -1.45 5.38
CA ALA A 39 -4.54 -0.28 5.50
C ALA A 39 -3.59 -0.18 4.31
N GLN A 40 -3.46 1.04 3.77
CA GLN A 40 -2.58 1.28 2.63
C GLN A 40 -1.17 1.60 3.09
N TYR A 41 -0.20 0.84 2.57
CA TYR A 41 1.20 1.05 2.92
C TYR A 41 1.55 2.53 2.93
N ASP A 42 2.58 2.89 3.69
CA ASP A 42 3.02 4.28 3.78
C ASP A 42 4.30 4.50 2.97
N PRO A 43 4.13 4.93 1.71
CA PRO A 43 5.25 5.19 0.81
C PRO A 43 6.05 6.42 1.22
N THR A 44 5.35 7.48 1.61
CA THR A 44 6.00 8.71 2.03
C THR A 44 6.97 8.46 3.18
N LYS A 45 6.61 7.54 4.06
CA LYS A 45 7.45 7.19 5.21
C LYS A 45 8.84 6.75 4.75
N ASN A 46 8.87 5.76 3.86
CA ASN A 46 10.14 5.25 3.34
C ASN A 46 10.92 6.34 2.62
N ALA A 47 10.41 6.75 1.45
CA ALA A 47 11.05 7.78 0.65
C ALA A 47 10.05 8.86 0.25
N SER A 48 10.53 9.88 -0.46
CA SER A 48 9.68 10.97 -0.91
C SER A 48 9.22 10.75 -2.34
N LYS A 49 7.91 10.61 -2.52
CA LYS A 49 7.34 10.40 -3.84
C LYS A 49 6.51 11.61 -4.28
N LYS A 50 6.85 12.15 -5.45
CA LYS A 50 6.14 13.30 -5.99
C LYS A 50 4.65 13.02 -6.11
N PRO A 51 3.83 13.99 -5.68
CA PRO A 51 2.37 13.87 -5.73
C PRO A 51 1.84 13.91 -7.15
N LEU A 52 0.53 13.70 -7.31
CA LEU A 52 -0.10 13.70 -8.61
C LEU A 52 -0.75 15.06 -8.90
N PRO A 53 -0.86 15.40 -10.19
CA PRO A 53 -1.45 16.68 -10.62
C PRO A 53 -2.95 16.72 -10.39
N PRO A 54 -3.53 17.92 -10.48
CA PRO A 54 -4.97 18.12 -10.28
C PRO A 54 -5.80 17.53 -11.41
N THR A 55 -7.10 17.39 -11.17
CA THR A 55 -8.01 16.83 -12.17
C THR A 55 -8.58 17.93 -13.07
N PRO A 56 -8.83 17.58 -14.34
CA PRO A 56 -9.39 18.52 -15.31
C PRO A 56 -10.84 18.88 -15.01
N GLU A 57 -11.51 19.50 -15.98
CA GLU A 57 -12.90 19.90 -15.82
C GLU A 57 -13.71 19.55 -17.06
N ASP A 58 -15.00 19.90 -17.04
CA ASP A 58 -15.89 19.62 -18.17
C ASP A 58 -16.39 20.92 -18.79
N ASN A 59 -16.99 20.81 -19.96
CA ASN A 59 -17.53 21.98 -20.67
C ASN A 59 -18.55 21.56 -21.73
N ARG A 60 -19.15 22.55 -22.37
CA ARG A 60 -20.15 22.29 -23.40
C ARG A 60 -19.56 21.42 -24.51
N ARG A 61 -20.39 21.13 -25.52
CA ARG A 61 -19.94 20.31 -26.65
C ARG A 61 -20.14 21.05 -27.97
N PRO A 62 -19.04 21.26 -28.71
CA PRO A 62 -19.06 21.95 -30.00
C PRO A 62 -19.76 21.13 -31.08
N LEU A 63 -19.82 21.69 -32.28
CA LEU A 63 -20.45 21.01 -33.41
C LEU A 63 -19.41 20.47 -34.38
N TRP A 64 -18.60 21.37 -34.93
CA TRP A 64 -17.56 20.98 -35.87
C TRP A 64 -16.77 19.79 -35.35
N GLY A 1 15.81 -8.34 -15.29
CA GLY A 1 15.50 -7.10 -14.62
C GLY A 1 14.62 -7.29 -13.40
N SER A 2 15.22 -7.29 -12.22
CA SER A 2 14.49 -7.48 -10.98
C SER A 2 15.26 -6.91 -9.80
N SER A 3 14.52 -6.45 -8.78
CA SER A 3 15.14 -5.88 -7.60
C SER A 3 14.61 -6.56 -6.33
N GLY A 4 13.29 -6.58 -6.18
CA GLY A 4 12.69 -7.20 -5.01
C GLY A 4 11.26 -7.63 -5.26
N SER A 5 10.31 -6.81 -4.80
CA SER A 5 8.90 -7.12 -4.98
C SER A 5 8.26 -6.21 -6.02
N SER A 6 7.00 -6.48 -6.35
CA SER A 6 6.29 -5.68 -7.34
C SER A 6 6.52 -4.19 -7.12
N GLY A 7 7.03 -3.52 -8.15
CA GLY A 7 7.29 -2.09 -8.05
C GLY A 7 6.05 -1.26 -8.32
N ASN A 8 5.86 -0.87 -9.57
CA ASN A 8 4.72 -0.06 -9.96
C ASN A 8 3.48 -0.93 -10.18
N ASN A 9 3.25 -1.85 -9.24
CA ASN A 9 2.10 -2.74 -9.33
C ASN A 9 0.82 -1.96 -9.60
N SER A 10 -0.01 -2.51 -10.48
CA SER A 10 -1.27 -1.87 -10.84
C SER A 10 -2.13 -1.62 -9.61
N LEU A 11 -2.28 -2.64 -8.78
CA LEU A 11 -3.08 -2.53 -7.57
C LEU A 11 -2.26 -1.94 -6.43
N VAL A 12 -2.94 -1.53 -5.37
CA VAL A 12 -2.27 -0.94 -4.21
C VAL A 12 -2.10 -1.98 -3.09
N PRO A 13 -0.84 -2.21 -2.70
CA PRO A 13 -0.51 -3.16 -1.63
C PRO A 13 -0.98 -2.69 -0.25
N LYS A 14 -1.96 -3.38 0.31
CA LYS A 14 -2.49 -3.02 1.62
C LYS A 14 -1.96 -3.97 2.69
N TYR A 15 -2.42 -3.78 3.92
CA TYR A 15 -1.99 -4.61 5.04
C TYR A 15 -2.98 -4.51 6.20
N HIS A 16 -2.80 -5.40 7.18
CA HIS A 16 -3.68 -5.41 8.35
C HIS A 16 -2.89 -5.03 9.61
N PRO A 17 -3.13 -3.81 10.10
CA PRO A 17 -2.47 -3.29 11.31
C PRO A 17 -2.94 -3.99 12.58
N ASN A 18 -3.97 -4.81 12.44
CA ASN A 18 -4.52 -5.54 13.57
C ASN A 18 -4.85 -6.98 13.19
N PHE A 19 -5.19 -7.79 14.18
CA PHE A 19 -5.52 -9.19 13.95
C PHE A 19 -7.01 -9.36 13.70
N TRP A 20 -7.43 -10.60 13.43
CA TRP A 20 -8.84 -10.88 13.17
C TRP A 20 -9.41 -11.82 14.23
N MET A 21 -10.68 -11.64 14.57
CA MET A 21 -11.33 -12.47 15.56
C MET A 21 -12.83 -12.56 15.30
N ASP A 22 -13.47 -13.58 15.87
CA ASP A 22 -14.90 -13.78 15.69
C ASP A 22 -15.28 -13.80 14.21
N GLY A 23 -14.50 -14.54 13.43
CA GLY A 23 -14.77 -14.63 12.00
C GLY A 23 -14.86 -13.27 11.34
N LYS A 24 -13.95 -12.37 11.71
CA LYS A 24 -13.93 -11.02 11.15
C LYS A 24 -12.71 -10.25 11.64
N TRP A 25 -12.19 -9.37 10.79
CA TRP A 25 -11.03 -8.57 11.14
C TRP A 25 -11.37 -7.56 12.23
N ARG A 26 -10.35 -6.91 12.78
CA ARG A 26 -10.54 -5.93 13.84
C ARG A 26 -10.31 -4.52 13.32
N CYS A 27 -9.35 -4.38 12.41
CA CYS A 27 -9.03 -3.08 11.83
C CYS A 27 -10.01 -2.71 10.73
N CYS A 28 -10.35 -3.70 9.91
CA CYS A 28 -11.30 -3.49 8.81
C CYS A 28 -12.59 -4.25 9.04
N SER A 29 -12.49 -5.35 9.78
CA SER A 29 -13.66 -6.17 10.08
C SER A 29 -14.43 -6.51 8.80
N GLN A 30 -13.71 -6.95 7.78
CA GLN A 30 -14.32 -7.30 6.51
C GLN A 30 -15.00 -8.67 6.59
N LEU A 31 -16.03 -8.87 5.77
CA LEU A 31 -16.76 -10.12 5.75
C LEU A 31 -15.97 -11.21 5.02
N GLU A 32 -15.35 -10.82 3.91
CA GLU A 32 -14.56 -11.76 3.11
C GLU A 32 -13.68 -12.62 4.00
N LYS A 33 -13.66 -13.92 3.75
CA LYS A 33 -12.86 -14.85 4.52
C LYS A 33 -11.41 -14.38 4.60
N LEU A 34 -10.76 -14.26 3.45
CA LEU A 34 -9.37 -13.83 3.39
C LEU A 34 -9.29 -12.36 3.00
N ALA A 35 -10.14 -11.54 3.60
CA ALA A 35 -10.16 -10.11 3.33
C ALA A 35 -8.74 -9.56 3.17
N THR A 36 -8.43 -9.06 1.98
CA THR A 36 -7.11 -8.52 1.71
C THR A 36 -6.82 -7.31 2.58
N GLY A 37 -5.54 -7.02 2.79
CA GLY A 37 -5.15 -5.89 3.62
C GLY A 37 -6.07 -4.70 3.42
N CYS A 38 -6.31 -3.96 4.50
CA CYS A 38 -7.17 -2.79 4.44
C CYS A 38 -6.35 -1.50 4.45
N ALA A 39 -5.34 -1.45 5.31
CA ALA A 39 -4.47 -0.29 5.42
C ALA A 39 -3.60 -0.14 4.18
N GLN A 40 -3.17 1.09 3.91
CA GLN A 40 -2.33 1.37 2.75
C GLN A 40 -0.90 1.66 3.17
N TYR A 41 0.05 1.15 2.41
CA TYR A 41 1.47 1.36 2.71
C TYR A 41 1.75 2.83 2.99
N ASP A 42 3.00 3.13 3.36
CA ASP A 42 3.40 4.50 3.66
C ASP A 42 4.82 4.77 3.17
N PRO A 43 4.97 5.76 2.29
CA PRO A 43 6.27 6.13 1.73
C PRO A 43 7.18 6.78 2.76
N THR A 44 6.63 7.07 3.94
CA THR A 44 7.39 7.69 5.01
C THR A 44 7.60 6.73 6.17
N LYS A 45 6.53 6.02 6.55
CA LYS A 45 6.60 5.06 7.65
C LYS A 45 7.70 4.03 7.39
N ASN A 46 8.88 4.29 7.93
CA ASN A 46 10.01 3.38 7.78
C ASN A 46 10.08 2.86 6.34
N ALA A 47 9.86 3.75 5.38
CA ALA A 47 9.91 3.39 3.97
C ALA A 47 10.91 4.25 3.22
N SER A 48 12.13 3.76 3.09
CA SER A 48 13.19 4.48 2.40
C SER A 48 13.81 3.63 1.30
N LYS A 49 13.11 3.52 0.18
CA LYS A 49 13.60 2.74 -0.96
C LYS A 49 12.73 2.98 -2.20
N LYS A 50 13.29 3.71 -3.16
CA LYS A 50 12.58 4.01 -4.39
C LYS A 50 13.55 4.15 -5.57
N PRO A 51 13.04 3.96 -6.79
CA PRO A 51 13.84 4.07 -8.01
C PRO A 51 14.27 5.51 -8.29
N LEU A 52 14.96 5.71 -9.41
CA LEU A 52 15.43 7.04 -9.79
C LEU A 52 14.29 8.05 -9.74
N PRO A 53 14.62 9.28 -9.31
CA PRO A 53 13.63 10.36 -9.21
C PRO A 53 13.16 10.86 -10.58
N PRO A 54 11.84 10.82 -10.79
CA PRO A 54 11.23 11.27 -12.05
C PRO A 54 11.34 12.78 -12.24
N THR A 55 10.93 13.25 -13.42
CA THR A 55 10.97 14.67 -13.74
C THR A 55 9.56 15.24 -13.90
N PRO A 56 9.41 16.54 -13.59
CA PRO A 56 8.12 17.22 -13.70
C PRO A 56 7.70 17.43 -15.16
N GLU A 57 6.53 16.90 -15.51
CA GLU A 57 6.02 17.03 -16.87
C GLU A 57 6.09 18.48 -17.35
N ASP A 58 6.14 18.66 -18.66
CA ASP A 58 6.21 19.99 -19.24
C ASP A 58 4.84 20.43 -19.78
N ASN A 59 4.78 21.64 -20.33
CA ASN A 59 3.53 22.16 -20.88
C ASN A 59 2.78 21.08 -21.64
N ARG A 60 1.49 20.96 -21.35
CA ARG A 60 0.65 19.96 -22.01
C ARG A 60 -0.30 20.62 -23.01
N ARG A 61 -0.85 19.81 -23.92
CA ARG A 61 -1.77 20.33 -24.92
C ARG A 61 -2.66 21.43 -24.35
N PRO A 62 -3.17 22.30 -25.23
CA PRO A 62 -4.03 23.42 -24.83
C PRO A 62 -5.40 22.95 -24.35
N LEU A 63 -5.94 23.64 -23.36
CA LEU A 63 -7.25 23.29 -22.80
C LEU A 63 -8.34 24.15 -23.43
N TRP A 64 -8.06 25.44 -23.58
CA TRP A 64 -9.02 26.37 -24.17
C TRP A 64 -9.85 25.69 -25.25
N GLY A 1 9.03 10.72 -22.25
CA GLY A 1 10.47 10.90 -22.32
C GLY A 1 11.22 9.60 -22.10
N SER A 2 12.18 9.62 -21.18
CA SER A 2 12.98 8.44 -20.87
C SER A 2 12.39 7.67 -19.69
N SER A 3 12.08 8.39 -18.62
CA SER A 3 11.51 7.78 -17.43
C SER A 3 10.06 7.38 -17.66
N GLY A 4 9.85 6.11 -18.01
CA GLY A 4 8.51 5.62 -18.26
C GLY A 4 8.20 4.36 -17.47
N SER A 5 6.91 4.13 -17.23
CA SER A 5 6.48 2.96 -16.48
C SER A 5 5.00 2.66 -16.73
N SER A 6 4.69 1.39 -16.96
CA SER A 6 3.32 0.97 -17.21
C SER A 6 3.20 -0.55 -17.18
N GLY A 7 2.37 -1.04 -16.27
CA GLY A 7 2.17 -2.48 -16.15
C GLY A 7 1.44 -2.87 -14.89
N ASN A 8 0.25 -2.29 -14.70
CA ASN A 8 -0.56 -2.58 -13.52
C ASN A 8 -0.86 -4.07 -13.41
N ASN A 9 -0.58 -4.64 -12.24
CA ASN A 9 -0.83 -6.07 -12.02
C ASN A 9 -1.83 -6.27 -10.88
N SER A 10 -1.56 -5.63 -9.74
CA SER A 10 -2.43 -5.74 -8.58
C SER A 10 -2.71 -4.37 -7.97
N LEU A 11 -3.77 -4.29 -7.17
CA LEU A 11 -4.14 -3.03 -6.53
C LEU A 11 -3.08 -2.60 -5.52
N VAL A 12 -3.29 -1.43 -4.93
CA VAL A 12 -2.36 -0.90 -3.93
C VAL A 12 -2.08 -1.92 -2.84
N PRO A 13 -0.81 -2.04 -2.45
CA PRO A 13 -0.38 -2.98 -1.40
C PRO A 13 -0.87 -2.56 -0.02
N LYS A 14 -1.92 -3.23 0.46
CA LYS A 14 -2.48 -2.93 1.78
C LYS A 14 -2.03 -3.95 2.81
N TYR A 15 -2.46 -3.77 4.05
CA TYR A 15 -2.10 -4.68 5.13
C TYR A 15 -3.10 -4.59 6.28
N HIS A 16 -3.01 -5.52 7.20
CA HIS A 16 -3.91 -5.55 8.36
C HIS A 16 -3.14 -5.25 9.64
N PRO A 17 -3.25 -4.00 10.11
CA PRO A 17 -2.58 -3.55 11.34
C PRO A 17 -3.18 -4.17 12.59
N ASN A 18 -4.15 -5.06 12.39
CA ASN A 18 -4.81 -5.72 13.52
C ASN A 18 -5.00 -7.20 13.23
N PHE A 19 -5.37 -7.97 14.25
CA PHE A 19 -5.59 -9.40 14.11
C PHE A 19 -7.03 -9.70 13.70
N TRP A 20 -7.36 -10.98 13.59
CA TRP A 20 -8.71 -11.39 13.21
C TRP A 20 -9.41 -12.07 14.38
N MET A 21 -10.63 -11.61 14.67
CA MET A 21 -11.43 -12.17 15.76
C MET A 21 -12.90 -12.27 15.37
N ASP A 22 -13.68 -12.92 16.22
CA ASP A 22 -15.11 -13.08 15.97
C ASP A 22 -15.38 -13.32 14.49
N GLY A 23 -14.61 -14.23 13.89
CA GLY A 23 -14.78 -14.54 12.49
C GLY A 23 -14.78 -13.30 11.62
N LYS A 24 -13.89 -12.36 11.93
CA LYS A 24 -13.79 -11.13 11.17
C LYS A 24 -12.58 -10.31 11.61
N TRP A 25 -12.13 -9.41 10.75
CA TRP A 25 -10.98 -8.57 11.05
C TRP A 25 -11.31 -7.56 12.14
N ARG A 26 -10.29 -6.91 12.68
CA ARG A 26 -10.47 -5.92 13.74
C ARG A 26 -10.20 -4.51 13.21
N CYS A 27 -9.28 -4.41 12.27
CA CYS A 27 -8.92 -3.12 11.68
C CYS A 27 -9.94 -2.71 10.61
N CYS A 28 -10.33 -3.67 9.78
CA CYS A 28 -11.28 -3.42 8.71
C CYS A 28 -12.60 -4.14 8.98
N SER A 29 -12.52 -5.28 9.66
CA SER A 29 -13.71 -6.05 9.98
C SER A 29 -14.45 -6.45 8.70
N GLN A 30 -13.70 -6.90 7.70
CA GLN A 30 -14.29 -7.31 6.43
C GLN A 30 -15.14 -8.56 6.60
N LEU A 31 -15.71 -9.04 5.51
CA LEU A 31 -16.54 -10.23 5.54
C LEU A 31 -15.92 -11.37 4.72
N GLU A 32 -14.62 -11.26 4.48
CA GLU A 32 -13.90 -12.27 3.71
C GLU A 32 -12.83 -12.94 4.58
N LYS A 33 -12.77 -14.26 4.49
CA LYS A 33 -11.79 -15.04 5.26
C LYS A 33 -10.38 -14.52 5.02
N LEU A 34 -10.01 -14.37 3.75
CA LEU A 34 -8.69 -13.88 3.39
C LEU A 34 -8.75 -12.42 2.92
N ALA A 35 -9.71 -11.67 3.47
CA ALA A 35 -9.88 -10.27 3.11
C ALA A 35 -8.53 -9.60 2.88
N THR A 36 -8.40 -8.92 1.74
CA THR A 36 -7.16 -8.23 1.40
C THR A 36 -6.89 -7.08 2.37
N GLY A 37 -5.60 -6.79 2.58
CA GLY A 37 -5.23 -5.71 3.48
C GLY A 37 -6.12 -4.49 3.34
N CYS A 38 -6.32 -3.77 4.43
CA CYS A 38 -7.15 -2.57 4.41
C CYS A 38 -6.29 -1.31 4.55
N ALA A 39 -5.22 -1.41 5.31
CA ALA A 39 -4.32 -0.28 5.53
C ALA A 39 -3.37 -0.12 4.36
N GLN A 40 -3.38 1.06 3.74
CA GLN A 40 -2.51 1.35 2.61
C GLN A 40 -1.11 1.74 3.08
N TYR A 41 -0.11 1.34 2.31
CA TYR A 41 1.28 1.65 2.64
C TYR A 41 1.48 3.15 2.81
N ASP A 42 2.42 3.52 3.67
CA ASP A 42 2.72 4.93 3.92
C ASP A 42 4.08 5.30 3.35
N PRO A 43 4.08 6.20 2.35
CA PRO A 43 5.30 6.66 1.69
C PRO A 43 6.14 7.54 2.60
N THR A 44 5.48 8.34 3.43
CA THR A 44 6.18 9.23 4.36
C THR A 44 5.31 9.55 5.57
N LYS A 45 5.88 9.40 6.76
CA LYS A 45 5.17 9.68 7.99
C LYS A 45 5.78 10.87 8.73
N ASN A 46 7.11 10.91 8.78
CA ASN A 46 7.81 11.99 9.45
C ASN A 46 7.33 13.35 8.94
N ALA A 47 7.10 14.27 9.87
CA ALA A 47 6.64 15.61 9.52
C ALA A 47 7.49 16.21 8.41
N SER A 48 6.83 16.77 7.40
CA SER A 48 7.53 17.38 6.27
C SER A 48 7.13 18.84 6.11
N LYS A 49 7.89 19.57 5.31
CA LYS A 49 7.62 20.99 5.06
C LYS A 49 6.93 21.18 3.72
N LYS A 50 5.61 21.29 3.74
CA LYS A 50 4.83 21.47 2.52
C LYS A 50 3.48 22.10 2.83
N PRO A 51 2.81 22.63 1.80
CA PRO A 51 1.49 23.27 1.94
C PRO A 51 0.40 22.26 2.25
N LEU A 52 -0.79 22.76 2.56
CA LEU A 52 -1.92 21.90 2.87
C LEU A 52 -1.89 20.63 2.03
N PRO A 53 -2.32 19.51 2.64
CA PRO A 53 -2.36 18.21 1.96
C PRO A 53 -3.42 18.15 0.88
N PRO A 54 -3.30 17.15 -0.02
CA PRO A 54 -4.25 16.96 -1.13
C PRO A 54 -5.61 16.48 -0.64
N THR A 55 -6.48 16.16 -1.59
CA THR A 55 -7.83 15.69 -1.25
C THR A 55 -7.80 14.24 -0.77
N PRO A 56 -8.77 13.88 0.09
CA PRO A 56 -8.88 12.53 0.63
C PRO A 56 -9.29 11.51 -0.41
N GLU A 57 -9.59 10.29 0.03
CA GLU A 57 -10.00 9.22 -0.87
C GLU A 57 -11.51 9.25 -1.09
N ASP A 58 -11.94 8.79 -2.27
CA ASP A 58 -13.36 8.75 -2.60
C ASP A 58 -13.83 7.33 -2.88
N ASN A 59 -14.82 6.88 -2.12
CA ASN A 59 -15.36 5.53 -2.28
C ASN A 59 -16.84 5.49 -1.90
N ARG A 60 -17.58 4.61 -2.54
CA ARG A 60 -19.01 4.46 -2.26
C ARG A 60 -19.43 3.00 -2.33
N ARG A 61 -20.11 2.53 -1.28
CA ARG A 61 -20.56 1.15 -1.22
C ARG A 61 -22.02 1.09 -0.78
N PRO A 62 -22.79 0.20 -1.43
CA PRO A 62 -24.22 0.02 -1.13
C PRO A 62 -24.45 -0.64 0.23
N LEU A 63 -25.68 -0.65 0.68
CA LEU A 63 -26.04 -1.25 1.96
C LEU A 63 -26.67 -2.61 1.77
N TRP A 64 -25.96 -3.50 1.08
CA TRP A 64 -26.45 -4.85 0.82
C TRP A 64 -25.30 -5.83 0.69
N GLY A 1 10.92 13.27 -17.83
CA GLY A 1 12.32 12.86 -17.76
C GLY A 1 12.48 11.34 -17.79
N SER A 2 13.37 10.84 -16.94
CA SER A 2 13.62 9.40 -16.88
C SER A 2 12.59 8.71 -15.98
N SER A 3 12.19 7.51 -16.36
CA SER A 3 11.22 6.74 -15.59
C SER A 3 11.89 5.58 -14.87
N GLY A 4 12.46 4.66 -15.64
CA GLY A 4 13.13 3.51 -15.07
C GLY A 4 12.93 2.25 -15.89
N SER A 5 13.31 1.11 -15.32
CA SER A 5 13.17 -0.17 -16.01
C SER A 5 12.31 -1.13 -15.21
N SER A 6 12.56 -1.21 -13.91
CA SER A 6 11.82 -2.09 -13.02
C SER A 6 10.33 -2.08 -13.37
N GLY A 7 9.62 -3.13 -12.98
CA GLY A 7 8.20 -3.22 -13.26
C GLY A 7 7.38 -2.33 -12.34
N ASN A 8 6.08 -2.59 -12.27
CA ASN A 8 5.18 -1.81 -11.43
C ASN A 8 3.93 -2.60 -11.10
N ASN A 9 3.42 -2.41 -9.88
CA ASN A 9 2.22 -3.11 -9.43
C ASN A 9 0.96 -2.46 -10.02
N SER A 10 -0.17 -3.15 -9.89
CA SER A 10 -1.43 -2.63 -10.40
C SER A 10 -2.25 -1.99 -9.28
N LEU A 11 -2.43 -2.73 -8.19
CA LEU A 11 -3.19 -2.24 -7.04
C LEU A 11 -2.27 -1.79 -5.92
N VAL A 12 -2.75 -0.90 -5.07
CA VAL A 12 -1.96 -0.39 -3.95
C VAL A 12 -1.76 -1.47 -2.90
N PRO A 13 -0.50 -1.61 -2.44
CA PRO A 13 -0.14 -2.60 -1.42
C PRO A 13 -0.72 -2.26 -0.05
N LYS A 14 -1.74 -3.00 0.36
CA LYS A 14 -2.38 -2.78 1.66
C LYS A 14 -1.90 -3.81 2.68
N TYR A 15 -2.34 -3.64 3.92
CA TYR A 15 -1.96 -4.56 4.99
C TYR A 15 -3.01 -4.56 6.10
N HIS A 16 -2.84 -5.46 7.06
CA HIS A 16 -3.77 -5.57 8.18
C HIS A 16 -3.06 -5.27 9.50
N PRO A 17 -3.28 -4.06 10.03
CA PRO A 17 -2.67 -3.62 11.28
C PRO A 17 -3.24 -4.35 12.49
N ASN A 18 -4.28 -5.15 12.25
CA ASN A 18 -4.92 -5.92 13.33
C ASN A 18 -5.18 -7.34 12.89
N PHE A 19 -5.67 -8.16 13.81
CA PHE A 19 -5.96 -9.56 13.53
C PHE A 19 -7.47 -9.84 13.65
N TRP A 20 -7.91 -10.92 13.03
CA TRP A 20 -9.32 -11.31 13.07
C TRP A 20 -9.61 -12.22 14.25
N MET A 21 -10.48 -11.77 15.15
CA MET A 21 -10.83 -12.56 16.32
C MET A 21 -12.31 -12.95 16.28
N ASP A 22 -13.18 -11.95 16.33
CA ASP A 22 -14.62 -12.19 16.30
C ASP A 22 -15.07 -12.61 14.90
N GLY A 23 -14.60 -13.77 14.47
CA GLY A 23 -14.96 -14.28 13.16
C GLY A 23 -14.87 -13.21 12.08
N LYS A 24 -14.05 -12.20 12.33
CA LYS A 24 -13.87 -11.11 11.37
C LYS A 24 -12.65 -10.27 11.73
N TRP A 25 -12.30 -9.35 10.84
CA TRP A 25 -11.15 -8.48 11.07
C TRP A 25 -11.48 -7.40 12.09
N ARG A 26 -10.46 -6.88 12.77
CA ARG A 26 -10.64 -5.85 13.78
C ARG A 26 -10.27 -4.47 13.22
N CYS A 27 -9.41 -4.46 12.22
CA CYS A 27 -8.96 -3.21 11.60
C CYS A 27 -9.93 -2.79 10.49
N CYS A 28 -10.30 -3.76 9.65
CA CYS A 28 -11.22 -3.48 8.55
C CYS A 28 -12.58 -4.11 8.80
N SER A 29 -12.58 -5.25 9.48
CA SER A 29 -13.83 -5.96 9.79
C SER A 29 -14.60 -6.28 8.52
N GLN A 30 -13.89 -6.84 7.54
CA GLN A 30 -14.51 -7.20 6.26
C GLN A 30 -15.24 -8.53 6.37
N LEU A 31 -16.49 -8.55 5.94
CA LEU A 31 -17.30 -9.77 5.99
C LEU A 31 -16.50 -10.97 5.50
N GLU A 32 -15.60 -10.73 4.55
CA GLU A 32 -14.77 -11.80 4.00
C GLU A 32 -13.93 -12.46 5.10
N LYS A 33 -13.23 -13.52 4.74
CA LYS A 33 -12.38 -14.23 5.69
C LYS A 33 -10.91 -13.89 5.49
N LEU A 34 -10.44 -14.02 4.25
CA LEU A 34 -9.05 -13.72 3.93
C LEU A 34 -8.94 -12.42 3.15
N ALA A 35 -9.80 -11.46 3.48
CA ALA A 35 -9.82 -10.16 2.81
C ALA A 35 -8.40 -9.60 2.69
N THR A 36 -8.14 -8.89 1.59
CA THR A 36 -6.83 -8.31 1.35
C THR A 36 -6.58 -7.12 2.26
N GLY A 37 -5.32 -6.90 2.62
CA GLY A 37 -4.96 -5.79 3.49
C GLY A 37 -5.85 -4.58 3.28
N CYS A 38 -6.19 -3.90 4.36
CA CYS A 38 -7.04 -2.72 4.29
C CYS A 38 -6.21 -1.45 4.38
N ALA A 39 -5.31 -1.40 5.35
CA ALA A 39 -4.45 -0.24 5.55
C ALA A 39 -3.46 -0.09 4.39
N GLN A 40 -3.26 1.15 3.96
CA GLN A 40 -2.34 1.43 2.86
C GLN A 40 -0.93 1.69 3.37
N TYR A 41 0.06 1.29 2.59
CA TYR A 41 1.45 1.47 2.97
C TYR A 41 1.72 2.92 3.39
N ASP A 42 2.88 3.14 4.01
CA ASP A 42 3.25 4.47 4.47
C ASP A 42 4.64 4.85 3.96
N PRO A 43 4.66 5.61 2.85
CA PRO A 43 5.91 6.07 2.23
C PRO A 43 6.63 7.11 3.08
N THR A 44 5.91 8.13 3.51
CA THR A 44 6.48 9.19 4.34
C THR A 44 6.93 8.66 5.69
N LYS A 45 6.18 7.70 6.23
CA LYS A 45 6.49 7.10 7.51
C LYS A 45 7.45 5.92 7.35
N ASN A 46 8.54 6.15 6.63
CA ASN A 46 9.53 5.11 6.38
C ASN A 46 10.94 5.67 6.51
N ALA A 47 11.92 4.78 6.67
CA ALA A 47 13.31 5.18 6.80
C ALA A 47 14.03 5.09 5.46
N SER A 48 13.74 4.03 4.71
CA SER A 48 14.37 3.82 3.41
C SER A 48 14.00 4.94 2.45
N LYS A 49 12.70 5.16 2.26
CA LYS A 49 12.22 6.21 1.38
C LYS A 49 12.33 7.58 2.03
N LYS A 50 12.73 8.58 1.24
CA LYS A 50 12.87 9.94 1.75
C LYS A 50 12.02 10.92 0.94
N PRO A 51 11.33 11.83 1.65
CA PRO A 51 10.46 12.82 1.02
C PRO A 51 11.26 13.87 0.26
N LEU A 52 10.55 14.81 -0.35
CA LEU A 52 11.18 15.88 -1.12
C LEU A 52 11.00 17.23 -0.43
N PRO A 53 12.10 17.98 -0.29
CA PRO A 53 12.09 19.31 0.34
C PRO A 53 11.36 20.34 -0.50
N PRO A 54 10.20 20.81 0.01
CA PRO A 54 9.39 21.80 -0.68
C PRO A 54 10.04 23.19 -0.69
N THR A 55 9.31 24.19 -1.15
CA THR A 55 9.82 25.55 -1.21
C THR A 55 10.66 25.88 0.01
N PRO A 56 11.60 26.81 -0.15
CA PRO A 56 12.49 27.24 0.95
C PRO A 56 11.75 28.04 2.02
N GLU A 57 11.88 27.60 3.27
CA GLU A 57 11.22 28.27 4.38
C GLU A 57 12.25 28.86 5.34
N ASP A 58 12.72 30.06 5.02
CA ASP A 58 13.71 30.75 5.85
C ASP A 58 13.07 31.87 6.65
N ASN A 59 12.27 32.70 5.98
CA ASN A 59 11.59 33.81 6.62
C ASN A 59 10.10 33.52 6.78
N ARG A 60 9.46 34.28 7.65
CA ARG A 60 8.03 34.11 7.89
C ARG A 60 7.25 35.36 7.48
N ARG A 61 5.99 35.17 7.12
CA ARG A 61 5.14 36.27 6.69
C ARG A 61 3.73 36.14 7.27
N PRO A 62 3.13 37.27 7.65
CA PRO A 62 1.78 37.29 8.22
C PRO A 62 0.71 36.96 7.19
N LEU A 63 -0.55 37.11 7.59
CA LEU A 63 -1.67 36.82 6.70
C LEU A 63 -2.18 38.11 6.05
N TRP A 64 -2.26 39.17 6.83
CA TRP A 64 -2.73 40.46 6.33
C TRP A 64 -1.90 40.92 5.14
N GLY A 1 -1.62 -7.25 -21.79
CA GLY A 1 -1.88 -8.61 -21.33
C GLY A 1 -0.87 -9.08 -20.31
N SER A 2 -1.36 -9.79 -19.29
CA SER A 2 -0.49 -10.31 -18.23
C SER A 2 -1.18 -11.43 -17.47
N SER A 3 -0.38 -12.31 -16.88
CA SER A 3 -0.91 -13.44 -16.11
C SER A 3 -0.40 -13.40 -14.68
N GLY A 4 0.92 -13.50 -14.52
CA GLY A 4 1.51 -13.49 -13.19
C GLY A 4 3.00 -13.24 -13.23
N SER A 5 3.54 -12.71 -12.13
CA SER A 5 4.96 -12.42 -12.04
C SER A 5 5.32 -11.94 -10.63
N SER A 6 6.21 -12.69 -9.98
CA SER A 6 6.64 -12.35 -8.63
C SER A 6 7.30 -10.98 -8.59
N GLY A 7 6.62 -10.01 -7.99
CA GLY A 7 7.16 -8.67 -7.91
C GLY A 7 6.10 -7.61 -8.10
N ASN A 8 5.49 -7.59 -9.28
CA ASN A 8 4.45 -6.61 -9.58
C ASN A 8 3.21 -6.84 -8.73
N ASN A 9 2.23 -5.96 -8.85
CA ASN A 9 1.00 -6.06 -8.09
C ASN A 9 -0.18 -5.48 -8.87
N SER A 10 -1.38 -6.00 -8.60
CA SER A 10 -2.58 -5.54 -9.28
C SER A 10 -2.99 -4.16 -8.77
N LEU A 11 -3.16 -4.05 -7.45
CA LEU A 11 -3.56 -2.78 -6.85
C LEU A 11 -2.67 -2.45 -5.65
N VAL A 12 -2.70 -1.19 -5.23
CA VAL A 12 -1.90 -0.75 -4.10
C VAL A 12 -1.88 -1.80 -2.99
N PRO A 13 -0.67 -2.12 -2.49
CA PRO A 13 -0.50 -3.11 -1.43
C PRO A 13 -1.02 -2.62 -0.08
N LYS A 14 -1.85 -3.44 0.55
CA LYS A 14 -2.43 -3.09 1.84
C LYS A 14 -1.98 -4.07 2.92
N TYR A 15 -2.43 -3.84 4.15
CA TYR A 15 -2.06 -4.70 5.27
C TYR A 15 -3.09 -4.59 6.39
N HIS A 16 -2.98 -5.47 7.38
CA HIS A 16 -3.89 -5.47 8.52
C HIS A 16 -3.18 -5.05 9.79
N PRO A 17 -3.36 -3.77 10.19
CA PRO A 17 -2.73 -3.23 11.39
C PRO A 17 -3.32 -3.81 12.67
N ASN A 18 -4.26 -4.73 12.52
CA ASN A 18 -4.90 -5.38 13.66
C ASN A 18 -4.91 -6.90 13.50
N PHE A 19 -5.58 -7.57 14.43
CA PHE A 19 -5.66 -9.03 14.39
C PHE A 19 -7.01 -9.48 13.84
N TRP A 20 -7.07 -10.73 13.39
CA TRP A 20 -8.30 -11.28 12.83
C TRP A 20 -9.00 -12.16 13.86
N MET A 21 -10.17 -11.71 14.32
CA MET A 21 -10.94 -12.46 15.31
C MET A 21 -11.88 -13.44 14.63
N ASP A 22 -11.99 -14.64 15.19
CA ASP A 22 -12.86 -15.68 14.64
C ASP A 22 -14.20 -15.10 14.24
N GLY A 23 -14.30 -14.62 13.00
CA GLY A 23 -15.54 -14.03 12.52
C GLY A 23 -15.30 -12.85 11.61
N LYS A 24 -14.31 -12.04 11.94
CA LYS A 24 -13.99 -10.86 11.14
C LYS A 24 -12.75 -10.16 11.69
N TRP A 25 -12.30 -9.12 10.98
CA TRP A 25 -11.12 -8.36 11.39
C TRP A 25 -11.49 -7.30 12.41
N ARG A 26 -10.47 -6.66 12.99
CA ARG A 26 -10.69 -5.61 13.97
C ARG A 26 -10.39 -4.23 13.39
N CYS A 27 -9.53 -4.21 12.37
CA CYS A 27 -9.16 -2.96 11.71
C CYS A 27 -10.15 -2.61 10.62
N CYS A 28 -10.46 -3.58 9.77
CA CYS A 28 -11.40 -3.36 8.67
C CYS A 28 -12.73 -4.06 8.95
N SER A 29 -12.66 -5.17 9.68
CA SER A 29 -13.87 -5.93 10.02
C SER A 29 -14.55 -6.46 8.76
N GLN A 30 -13.76 -7.08 7.88
CA GLN A 30 -14.28 -7.63 6.64
C GLN A 30 -14.77 -9.06 6.84
N LEU A 31 -15.76 -9.46 6.04
CA LEU A 31 -16.32 -10.81 6.13
C LEU A 31 -15.39 -11.82 5.48
N GLU A 32 -14.90 -11.50 4.30
CA GLU A 32 -13.99 -12.38 3.57
C GLU A 32 -13.01 -13.06 4.52
N LYS A 33 -13.07 -14.38 4.59
CA LYS A 33 -12.19 -15.15 5.46
C LYS A 33 -10.74 -14.70 5.29
N LEU A 34 -10.25 -14.76 4.06
CA LEU A 34 -8.88 -14.37 3.76
C LEU A 34 -8.83 -12.96 3.17
N ALA A 35 -9.56 -12.04 3.80
CA ALA A 35 -9.60 -10.66 3.34
C ALA A 35 -8.19 -10.11 3.10
N THR A 36 -8.07 -9.14 2.21
CA THR A 36 -6.78 -8.54 1.90
C THR A 36 -6.56 -7.28 2.71
N GLY A 37 -5.29 -7.01 3.03
CA GLY A 37 -4.96 -5.83 3.81
C GLY A 37 -5.88 -4.66 3.52
N CYS A 38 -6.31 -3.97 4.57
CA CYS A 38 -7.19 -2.83 4.43
C CYS A 38 -6.41 -1.52 4.38
N ALA A 39 -5.41 -1.41 5.26
CA ALA A 39 -4.58 -0.22 5.32
C ALA A 39 -3.49 -0.25 4.26
N GLN A 40 -3.22 0.90 3.66
CA GLN A 40 -2.20 1.01 2.63
C GLN A 40 -0.83 1.27 3.24
N TYR A 41 0.21 0.77 2.58
CA TYR A 41 1.58 0.95 3.05
C TYR A 41 1.83 2.41 3.43
N ASP A 42 3.00 2.66 4.02
CA ASP A 42 3.36 4.02 4.43
C ASP A 42 4.38 4.63 3.47
N PRO A 43 3.88 5.38 2.47
CA PRO A 43 4.72 6.03 1.46
C PRO A 43 5.55 7.17 2.05
N THR A 44 4.91 8.02 2.85
CA THR A 44 5.59 9.14 3.46
C THR A 44 6.67 8.67 4.44
N LYS A 45 6.33 7.67 5.23
CA LYS A 45 7.28 7.12 6.20
C LYS A 45 8.00 5.91 5.64
N ASN A 46 9.33 5.99 5.61
CA ASN A 46 10.15 4.89 5.09
C ASN A 46 10.37 3.82 6.14
N ALA A 47 9.75 2.66 5.93
CA ALA A 47 9.88 1.54 6.86
C ALA A 47 10.40 0.30 6.16
N SER A 48 9.66 -0.19 5.17
CA SER A 48 10.06 -1.37 4.43
C SER A 48 11.16 -1.05 3.43
N LYS A 49 11.81 -2.09 2.92
CA LYS A 49 12.90 -1.92 1.95
C LYS A 49 12.48 -2.39 0.57
N LYS A 50 11.75 -1.54 -0.15
CA LYS A 50 11.28 -1.87 -1.49
C LYS A 50 10.69 -0.65 -2.18
N PRO A 51 10.99 -0.49 -3.48
CA PRO A 51 10.50 0.63 -4.27
C PRO A 51 8.99 0.55 -4.53
N LEU A 52 8.45 1.58 -5.16
CA LEU A 52 7.02 1.63 -5.46
C LEU A 52 6.76 1.16 -6.89
N PRO A 53 5.51 0.75 -7.15
CA PRO A 53 5.09 0.27 -8.47
C PRO A 53 5.04 1.39 -9.50
N PRO A 54 4.97 1.01 -10.78
CA PRO A 54 4.92 1.97 -11.89
C PRO A 54 3.58 2.73 -11.94
N THR A 55 3.56 3.81 -12.71
CA THR A 55 2.36 4.62 -12.85
C THR A 55 1.13 3.75 -13.05
N PRO A 56 0.00 4.17 -12.46
CA PRO A 56 -1.27 3.44 -12.57
C PRO A 56 -1.86 3.52 -13.97
N GLU A 57 -1.14 4.16 -14.87
CA GLU A 57 -1.60 4.30 -16.25
C GLU A 57 -0.49 4.84 -17.14
N ASP A 58 -0.59 4.56 -18.44
CA ASP A 58 0.40 5.02 -19.40
C ASP A 58 0.31 6.53 -19.61
N ASN A 59 1.39 7.12 -20.12
CA ASN A 59 1.43 8.56 -20.36
C ASN A 59 0.26 8.99 -21.26
N ARG A 60 -0.34 10.14 -20.94
CA ARG A 60 -1.46 10.65 -21.70
C ARG A 60 -1.09 11.96 -22.39
N ARG A 61 -1.90 12.37 -23.37
CA ARG A 61 -1.66 13.60 -24.10
C ARG A 61 -1.51 14.78 -23.15
N PRO A 62 -0.29 15.32 -23.05
CA PRO A 62 0.01 16.46 -22.18
C PRO A 62 -0.63 17.75 -22.68
N LEU A 63 -0.61 18.78 -21.83
CA LEU A 63 -1.19 20.07 -22.19
C LEU A 63 -0.14 21.17 -22.13
N TRP A 64 0.73 21.22 -23.13
CA TRP A 64 1.79 22.22 -23.19
C TRP A 64 1.53 23.22 -24.31
N GLY A 1 22.11 -8.27 -3.14
CA GLY A 1 21.15 -7.94 -4.19
C GLY A 1 20.75 -6.49 -4.17
N SER A 2 19.58 -6.19 -4.73
CA SER A 2 19.08 -4.83 -4.78
C SER A 2 17.56 -4.80 -4.83
N SER A 3 16.97 -3.63 -4.61
CA SER A 3 15.53 -3.48 -4.62
C SER A 3 15.10 -2.35 -5.57
N GLY A 4 13.82 -2.31 -5.92
CA GLY A 4 13.32 -1.29 -6.80
C GLY A 4 11.83 -1.41 -7.05
N SER A 5 11.36 -0.77 -8.11
CA SER A 5 9.94 -0.80 -8.45
C SER A 5 9.72 -0.41 -9.91
N SER A 6 8.53 -0.71 -10.43
CA SER A 6 8.19 -0.40 -11.80
C SER A 6 6.80 0.21 -11.90
N GLY A 7 6.49 0.79 -13.06
CA GLY A 7 5.19 1.41 -13.26
C GLY A 7 4.12 0.40 -13.59
N ASN A 8 4.10 -0.71 -12.85
CA ASN A 8 3.12 -1.76 -13.07
C ASN A 8 1.77 -1.39 -12.44
N ASN A 9 0.69 -1.94 -13.00
CA ASN A 9 -0.65 -1.67 -12.49
C ASN A 9 -1.17 -2.85 -11.68
N SER A 10 -1.30 -2.64 -10.37
CA SER A 10 -1.79 -3.68 -9.47
C SER A 10 -2.32 -3.07 -8.17
N LEU A 11 -3.36 -3.69 -7.62
CA LEU A 11 -3.96 -3.22 -6.38
C LEU A 11 -2.88 -2.83 -5.37
N VAL A 12 -3.10 -1.72 -4.68
CA VAL A 12 -2.15 -1.24 -3.67
C VAL A 12 -1.95 -2.27 -2.57
N PRO A 13 -0.69 -2.54 -2.24
CA PRO A 13 -0.34 -3.51 -1.19
C PRO A 13 -0.70 -3.03 0.21
N LYS A 14 -1.87 -3.45 0.69
CA LYS A 14 -2.33 -3.06 2.02
C LYS A 14 -1.87 -4.05 3.08
N TYR A 15 -2.32 -3.84 4.31
CA TYR A 15 -1.95 -4.72 5.42
C TYR A 15 -2.98 -4.65 6.53
N HIS A 16 -2.88 -5.57 7.49
CA HIS A 16 -3.81 -5.63 8.61
C HIS A 16 -3.11 -5.23 9.91
N PRO A 17 -3.26 -3.96 10.30
CA PRO A 17 -2.65 -3.43 11.53
C PRO A 17 -3.30 -4.00 12.79
N ASN A 18 -4.24 -4.92 12.60
CA ASN A 18 -4.95 -5.53 13.72
C ASN A 18 -5.01 -7.05 13.54
N PHE A 19 -5.68 -7.72 14.49
CA PHE A 19 -5.82 -9.17 14.44
C PHE A 19 -7.14 -9.56 13.79
N TRP A 20 -7.23 -10.83 13.39
CA TRP A 20 -8.45 -11.34 12.75
C TRP A 20 -9.16 -12.34 13.65
N MET A 21 -10.22 -11.91 14.30
CA MET A 21 -10.98 -12.77 15.19
C MET A 21 -11.89 -13.71 14.40
N ASP A 22 -12.08 -14.92 14.91
CA ASP A 22 -12.92 -15.91 14.24
C ASP A 22 -14.12 -15.24 13.59
N GLY A 23 -14.59 -14.15 14.19
CA GLY A 23 -15.74 -13.44 13.66
C GLY A 23 -15.38 -12.60 12.44
N LYS A 24 -14.43 -11.69 12.62
CA LYS A 24 -13.99 -10.82 11.54
C LYS A 24 -12.80 -9.97 11.96
N TRP A 25 -12.27 -9.19 11.02
CA TRP A 25 -11.13 -8.32 11.30
C TRP A 25 -11.52 -7.22 12.29
N ARG A 26 -10.51 -6.62 12.92
CA ARG A 26 -10.74 -5.54 13.87
C ARG A 26 -10.38 -4.19 13.28
N CYS A 27 -9.48 -4.21 12.30
CA CYS A 27 -9.04 -2.98 11.63
C CYS A 27 -9.99 -2.60 10.51
N CYS A 28 -10.38 -3.59 9.72
CA CYS A 28 -11.30 -3.36 8.59
C CYS A 28 -12.63 -4.07 8.81
N SER A 29 -12.60 -5.13 9.63
CA SER A 29 -13.81 -5.89 9.92
C SER A 29 -14.57 -6.23 8.63
N GLN A 30 -13.82 -6.65 7.62
CA GLN A 30 -14.42 -7.01 6.33
C GLN A 30 -15.39 -8.18 6.49
N LEU A 31 -15.96 -8.61 5.37
CA LEU A 31 -16.90 -9.73 5.38
C LEU A 31 -16.34 -10.94 4.64
N GLU A 32 -15.02 -11.00 4.55
CA GLU A 32 -14.35 -12.10 3.87
C GLU A 32 -13.55 -12.95 4.85
N LYS A 33 -13.09 -14.11 4.39
CA LYS A 33 -12.31 -15.01 5.21
C LYS A 33 -10.86 -14.55 5.32
N LEU A 34 -10.18 -14.47 4.17
CA LEU A 34 -8.80 -14.04 4.13
C LEU A 34 -8.66 -12.71 3.39
N ALA A 35 -9.61 -11.81 3.61
CA ALA A 35 -9.60 -10.50 2.97
C ALA A 35 -8.18 -9.94 2.91
N THR A 36 -7.90 -9.19 1.84
CA THR A 36 -6.57 -8.59 1.66
C THR A 36 -6.40 -7.38 2.57
N GLY A 37 -5.14 -7.05 2.87
CA GLY A 37 -4.85 -5.92 3.72
C GLY A 37 -5.80 -4.76 3.48
N CYS A 38 -6.08 -3.99 4.52
CA CYS A 38 -6.98 -2.84 4.42
C CYS A 38 -6.20 -1.53 4.45
N ALA A 39 -5.23 -1.45 5.35
CA ALA A 39 -4.40 -0.25 5.49
C ALA A 39 -3.43 -0.13 4.32
N GLN A 40 -3.67 0.86 3.47
CA GLN A 40 -2.82 1.10 2.31
C GLN A 40 -1.48 1.70 2.73
N TYR A 41 -0.39 1.21 2.14
CA TYR A 41 0.94 1.70 2.45
C TYR A 41 1.07 3.19 2.13
N ASP A 42 2.23 3.76 2.42
CA ASP A 42 2.48 5.17 2.16
C ASP A 42 3.89 5.37 1.59
N PRO A 43 3.95 5.86 0.34
CA PRO A 43 5.21 6.12 -0.34
C PRO A 43 5.98 7.29 0.27
N THR A 44 5.30 8.41 0.44
CA THR A 44 5.91 9.60 1.01
C THR A 44 5.98 9.50 2.53
N LYS A 45 4.95 8.91 3.14
CA LYS A 45 4.89 8.76 4.58
C LYS A 45 5.47 9.98 5.29
N ASN A 46 5.05 11.17 4.86
CA ASN A 46 5.53 12.42 5.44
C ASN A 46 4.76 13.61 4.91
N ALA A 47 4.60 14.63 5.74
CA ALA A 47 3.87 15.83 5.35
C ALA A 47 2.50 15.49 4.80
N SER A 48 1.87 14.47 5.36
CA SER A 48 0.55 14.03 4.92
C SER A 48 -0.54 14.82 5.62
N LYS A 49 -0.50 14.82 6.95
CA LYS A 49 -1.49 15.54 7.75
C LYS A 49 -1.57 17.00 7.32
N LYS A 50 -0.43 17.69 7.36
CA LYS A 50 -0.37 19.09 6.98
C LYS A 50 -0.35 19.25 5.46
N PRO A 51 -1.17 20.18 4.95
CA PRO A 51 -1.26 20.45 3.52
C PRO A 51 0.00 21.11 2.96
N LEU A 52 -0.01 21.40 1.67
CA LEU A 52 1.13 22.04 1.02
C LEU A 52 1.03 23.56 1.12
N PRO A 53 2.20 24.23 1.11
CA PRO A 53 2.27 25.69 1.20
C PRO A 53 1.76 26.37 -0.06
N PRO A 54 1.49 27.68 0.03
CA PRO A 54 1.00 28.47 -1.10
C PRO A 54 2.04 28.67 -2.19
N THR A 55 1.60 29.10 -3.36
CA THR A 55 2.50 29.32 -4.48
C THR A 55 2.72 30.81 -4.73
N PRO A 56 3.92 31.16 -5.19
CA PRO A 56 4.29 32.56 -5.48
C PRO A 56 3.55 33.10 -6.70
N GLU A 57 2.68 34.09 -6.47
CA GLU A 57 1.91 34.69 -7.55
C GLU A 57 2.77 34.87 -8.80
N ASP A 58 3.94 35.46 -8.62
CA ASP A 58 4.86 35.68 -9.73
C ASP A 58 4.90 34.47 -10.66
N ASN A 59 5.29 33.32 -10.11
CA ASN A 59 5.37 32.09 -10.89
C ASN A 59 3.99 31.65 -11.36
N ARG A 60 3.53 32.26 -12.45
CA ARG A 60 2.22 31.94 -13.01
C ARG A 60 2.20 32.17 -14.52
N ARG A 61 1.74 31.15 -15.26
CA ARG A 61 1.67 31.26 -16.71
C ARG A 61 0.46 30.49 -17.25
N PRO A 62 -0.42 31.20 -17.97
CA PRO A 62 -1.63 30.61 -18.55
C PRO A 62 -1.31 29.66 -19.69
N LEU A 63 -2.36 29.22 -20.40
CA LEU A 63 -2.20 28.30 -21.52
C LEU A 63 -2.97 28.79 -22.73
N TRP A 64 -4.25 29.06 -22.53
CA TRP A 64 -5.11 29.54 -23.62
C TRP A 64 -5.14 28.53 -24.77
N GLY A 1 8.55 -10.51 -5.84
CA GLY A 1 8.66 -10.28 -7.27
C GLY A 1 8.21 -8.90 -7.68
N SER A 2 9.04 -8.23 -8.49
CA SER A 2 8.72 -6.88 -8.95
C SER A 2 7.99 -6.92 -10.29
N SER A 3 6.98 -6.07 -10.43
CA SER A 3 6.20 -6.00 -11.66
C SER A 3 6.21 -4.60 -12.24
N GLY A 4 6.63 -3.63 -11.42
CA GLY A 4 6.67 -2.25 -11.87
C GLY A 4 5.29 -1.69 -12.14
N SER A 5 5.20 -0.37 -12.25
CA SER A 5 3.93 0.30 -12.50
C SER A 5 3.79 0.65 -13.98
N SER A 6 3.24 -0.27 -14.76
CA SER A 6 3.05 -0.06 -16.19
C SER A 6 1.60 0.31 -16.50
N GLY A 7 1.31 1.61 -16.47
CA GLY A 7 -0.04 2.06 -16.76
C GLY A 7 -0.96 1.90 -15.56
N ASN A 8 -2.27 1.93 -15.82
CA ASN A 8 -3.26 1.79 -14.76
C ASN A 8 -3.63 0.33 -14.56
N ASN A 9 -2.61 -0.52 -14.38
CA ASN A 9 -2.83 -1.94 -14.17
C ASN A 9 -2.00 -2.45 -12.99
N SER A 10 -1.94 -1.66 -11.93
CA SER A 10 -1.17 -2.03 -10.75
C SER A 10 -1.99 -1.80 -9.48
N LEU A 11 -2.13 -2.85 -8.67
CA LEU A 11 -2.89 -2.76 -7.43
C LEU A 11 -2.00 -2.27 -6.29
N VAL A 12 -2.59 -1.46 -5.41
CA VAL A 12 -1.85 -0.92 -4.27
C VAL A 12 -1.79 -1.93 -3.13
N PRO A 13 -0.56 -2.21 -2.66
CA PRO A 13 -0.32 -3.16 -1.57
C PRO A 13 -0.83 -2.64 -0.22
N LYS A 14 -1.74 -3.39 0.38
CA LYS A 14 -2.30 -3.01 1.68
C LYS A 14 -1.86 -3.97 2.77
N TYR A 15 -2.27 -3.70 4.00
CA TYR A 15 -1.92 -4.54 5.14
C TYR A 15 -2.99 -4.48 6.22
N HIS A 16 -2.88 -5.36 7.21
CA HIS A 16 -3.84 -5.40 8.31
C HIS A 16 -3.15 -5.08 9.64
N PRO A 17 -3.43 -3.87 10.17
CA PRO A 17 -2.85 -3.42 11.43
C PRO A 17 -3.41 -4.18 12.63
N ASN A 18 -4.42 -5.00 12.38
CA ASN A 18 -5.05 -5.80 13.44
C ASN A 18 -5.14 -7.27 13.03
N PHE A 19 -5.79 -8.06 13.88
CA PHE A 19 -5.95 -9.48 13.62
C PHE A 19 -7.42 -9.87 13.63
N TRP A 20 -7.72 -11.02 13.03
CA TRP A 20 -9.10 -11.51 12.95
C TRP A 20 -9.42 -12.40 14.15
N MET A 21 -10.41 -11.99 14.94
CA MET A 21 -10.81 -12.77 16.11
C MET A 21 -12.31 -13.03 16.09
N ASP A 22 -13.10 -11.98 16.31
CA ASP A 22 -14.56 -12.10 16.32
C ASP A 22 -15.09 -12.42 14.92
N GLY A 23 -14.81 -13.64 14.45
CA GLY A 23 -15.26 -14.04 13.14
C GLY A 23 -15.15 -12.93 12.12
N LYS A 24 -14.23 -12.01 12.35
CA LYS A 24 -14.02 -10.88 11.45
C LYS A 24 -12.77 -10.10 11.83
N TRP A 25 -12.32 -9.23 10.92
CA TRP A 25 -11.13 -8.42 11.16
C TRP A 25 -11.44 -7.27 12.13
N ARG A 26 -10.42 -6.81 12.84
CA ARG A 26 -10.59 -5.72 13.79
C ARG A 26 -10.08 -4.41 13.20
N CYS A 27 -9.36 -4.49 12.09
CA CYS A 27 -8.82 -3.32 11.43
C CYS A 27 -9.74 -2.85 10.31
N CYS A 28 -10.37 -3.81 9.63
CA CYS A 28 -11.29 -3.50 8.54
C CYS A 28 -12.67 -4.06 8.81
N SER A 29 -12.72 -5.25 9.39
CA SER A 29 -13.99 -5.90 9.71
C SER A 29 -14.65 -6.42 8.44
N GLN A 30 -13.84 -6.87 7.49
CA GLN A 30 -14.35 -7.40 6.23
C GLN A 30 -14.93 -8.79 6.42
N LEU A 31 -16.01 -9.08 5.71
CA LEU A 31 -16.66 -10.39 5.80
C LEU A 31 -15.78 -11.48 5.19
N GLU A 32 -15.18 -11.18 4.04
CA GLU A 32 -14.31 -12.13 3.37
C GLU A 32 -13.34 -12.78 4.36
N LYS A 33 -13.23 -14.10 4.28
CA LYS A 33 -12.35 -14.86 5.17
C LYS A 33 -10.88 -14.60 4.82
N LEU A 34 -10.58 -14.64 3.52
CA LEU A 34 -9.21 -14.41 3.05
C LEU A 34 -9.06 -13.00 2.49
N ALA A 35 -9.69 -12.03 3.15
CA ALA A 35 -9.61 -10.64 2.73
C ALA A 35 -8.17 -10.17 2.61
N THR A 36 -7.96 -9.06 1.92
CA THR A 36 -6.62 -8.51 1.73
C THR A 36 -6.41 -7.27 2.60
N GLY A 37 -5.15 -6.86 2.74
CA GLY A 37 -4.84 -5.70 3.55
C GLY A 37 -5.89 -4.61 3.41
N CYS A 38 -6.01 -3.79 4.46
CA CYS A 38 -6.99 -2.70 4.46
C CYS A 38 -6.29 -1.35 4.60
N ALA A 39 -5.21 -1.33 5.38
CA ALA A 39 -4.45 -0.11 5.61
C ALA A 39 -3.38 0.08 4.53
N GLN A 40 -3.53 1.15 3.74
CA GLN A 40 -2.58 1.44 2.67
C GLN A 40 -1.16 1.48 3.21
N TYR A 41 -0.25 0.78 2.54
CA TYR A 41 1.15 0.73 2.96
C TYR A 41 1.81 2.10 2.78
N ASP A 42 3.11 2.15 3.05
CA ASP A 42 3.86 3.40 2.92
C ASP A 42 4.72 3.38 1.65
N PRO A 43 4.16 3.90 0.56
CA PRO A 43 4.88 3.96 -0.73
C PRO A 43 6.03 4.95 -0.72
N THR A 44 6.17 5.68 0.39
CA THR A 44 7.24 6.66 0.53
C THR A 44 7.51 6.97 1.99
N LYS A 45 8.77 6.84 2.40
CA LYS A 45 9.17 7.12 3.78
C LYS A 45 10.66 7.41 3.86
N ASN A 46 11.03 8.30 4.77
CA ASN A 46 12.44 8.67 4.95
C ASN A 46 13.10 7.80 6.02
N ALA A 47 13.02 6.48 5.81
CA ALA A 47 13.62 5.54 6.76
C ALA A 47 13.54 4.11 6.23
N SER A 48 14.62 3.37 6.37
CA SER A 48 14.68 1.99 5.90
C SER A 48 14.27 1.89 4.43
N LYS A 49 14.92 2.70 3.60
CA LYS A 49 14.63 2.71 2.17
C LYS A 49 15.62 1.84 1.41
N LYS A 50 15.16 0.68 0.95
CA LYS A 50 16.00 -0.25 0.20
C LYS A 50 16.88 0.51 -0.79
N PRO A 51 17.98 -0.14 -1.23
CA PRO A 51 18.91 0.45 -2.18
C PRO A 51 18.32 0.57 -3.57
N LEU A 52 18.78 1.58 -4.32
CA LEU A 52 18.28 1.82 -5.67
C LEU A 52 19.35 2.47 -6.53
N PRO A 53 19.26 2.27 -7.85
CA PRO A 53 20.21 2.85 -8.82
C PRO A 53 20.07 4.36 -8.93
N PRO A 54 21.05 5.00 -9.60
CA PRO A 54 21.07 6.45 -9.78
C PRO A 54 19.98 6.91 -10.76
N THR A 55 19.38 8.06 -10.47
CA THR A 55 18.33 8.61 -11.32
C THR A 55 18.59 10.08 -11.64
N PRO A 56 18.16 10.51 -12.83
CA PRO A 56 18.33 11.90 -13.27
C PRO A 56 17.46 12.88 -12.49
N GLU A 57 18.05 13.54 -11.51
CA GLU A 57 17.32 14.50 -10.69
C GLU A 57 17.20 15.85 -11.40
N ASP A 58 15.98 16.37 -11.46
CA ASP A 58 15.73 17.64 -12.12
C ASP A 58 16.58 17.80 -13.37
N ASN A 59 16.53 16.79 -14.24
CA ASN A 59 17.30 16.81 -15.48
C ASN A 59 16.44 17.27 -16.65
N ARG A 60 15.58 18.25 -16.40
CA ARG A 60 14.70 18.77 -17.44
C ARG A 60 15.44 19.75 -18.34
N ARG A 61 15.71 19.32 -19.57
CA ARG A 61 16.41 20.16 -20.53
C ARG A 61 15.84 19.98 -21.93
N PRO A 62 15.98 21.02 -22.76
CA PRO A 62 15.47 21.00 -24.15
C PRO A 62 16.28 20.06 -25.04
N LEU A 63 15.65 19.57 -26.10
CA LEU A 63 16.30 18.67 -27.04
C LEU A 63 16.74 19.41 -28.30
N TRP A 64 17.47 20.50 -28.10
CA TRP A 64 17.96 21.29 -29.22
C TRP A 64 19.36 20.84 -29.64
#